data_9G45
#
_entry.id   9G45
#
_cell.length_a   86.474
_cell.length_b   101.396
_cell.length_c   134.027
_cell.angle_alpha   90.00
_cell.angle_beta   90.00
_cell.angle_gamma   90.00
#
_symmetry.space_group_name_H-M   'P 21 21 21'
#
loop_
_entity.id
_entity.type
_entity.pdbx_description
1 polymer 'Glucose-6-phosphate isomerase'
2 non-polymer '5-PHOSPHOARABINONIC ACID'
3 non-polymer 2-[(dimethylamino)methyl]pyridin-3-ol
4 non-polymer 'CHLORIDE ION'
5 water water
#
_entity_poly.entity_id   1
_entity_poly.type   'polypeptide(L)'
_entity_poly.pdbx_seq_one_letter_code
;GPLGSMASFKLATDLPEWKKLEETYKSVGEKFSVRDAFAKDPKRFEEFSWIYKNYDDSKILFDFSKNLVNKEILDQLVTL
AKEAGVEKLRDAMFAGDHINTTEDRAVYHVALRNRALRKMPVDGKDTAQEVDDVLKHMKEFSDSIRDGSWTGYTGKSITD
VVNIGIGGSDLGPVMVTEALKAYSKPGLNVHFISNIDGTHTAETLKNLNPETTLFLIASKTFTTAETITNATSAKNWFLA
TAKDSKHIAKHFAALSTNEKEVVAFGIDAKNMFGFESWVGGRYSVWSAIGLSVAIYIGFENFNDFLKGAEAMDQHFLTTP
LENNIPVIGGLLSVWYNNFFGAQTHLVVPFDQYLHRFPAYLQQLSMESNGKSVTRANVFTNYQTGTILFGEPATNAQHSF
FQLVHQGTKLIPADFILAAQSHNPIEKNLHQRMLASNFFAQSEALMVGKDEAKVKAEGATGGLVPHKEFSGNRPTTSILA
QKITPATLGSLIAYYEHLTFTEGAIWNINSFDQWGVELGKVLAKVIGKELDDKKAVATHDASTNGLINQFKEWEE
;
_entity_poly.pdbx_strand_id   A,B
#
loop_
_chem_comp.id
_chem_comp.type
_chem_comp.name
_chem_comp.formula
A1IH9 non-polymer 2-[(dimethylamino)methyl]pyridin-3-ol 'C8 H12 N2 O'
CL non-polymer 'CHLORIDE ION' 'Cl -1'
PA5 saccharide '5-PHOSPHOARABINONIC ACID' 'C5 H11 O9 P'
#
# COMPACT_ATOMS: atom_id res chain seq x y z
N MET A 6 -25.79 25.48 11.60
CA MET A 6 -25.46 24.38 12.57
C MET A 6 -23.99 24.43 13.00
N ALA A 7 -23.12 24.94 12.13
CA ALA A 7 -21.70 25.03 12.44
C ALA A 7 -21.43 26.20 13.39
N SER A 8 -20.42 26.13 14.28
CA SER A 8 -20.10 27.30 15.10
C SER A 8 -19.04 28.22 14.47
N PHE A 9 -18.39 27.75 13.40
CA PHE A 9 -17.43 28.57 12.66
C PHE A 9 -17.47 28.09 11.20
N LYS A 10 -16.80 28.81 10.30
CA LYS A 10 -16.86 28.51 8.87
C LYS A 10 -15.58 27.81 8.39
N LEU A 11 -14.43 28.38 8.72
CA LEU A 11 -13.14 28.01 8.14
C LEU A 11 -12.10 27.94 9.24
N ALA A 12 -11.33 26.85 9.30
CA ALA A 12 -10.30 26.69 10.31
C ALA A 12 -9.27 27.84 10.30
N THR A 13 -8.97 28.32 9.10
CA THR A 13 -8.00 29.39 8.90
C THR A 13 -8.39 30.68 9.62
N ASP A 14 -9.68 30.84 9.95
CA ASP A 14 -10.17 32.06 10.61
C ASP A 14 -10.41 31.82 12.09
N LEU A 15 -10.13 30.63 12.64
CA LEU A 15 -9.99 30.50 14.07
C LEU A 15 -8.83 31.35 14.56
N PRO A 16 -9.02 32.13 15.66
CA PRO A 16 -7.94 33.02 16.11
C PRO A 16 -6.59 32.33 16.31
N GLU A 17 -6.59 31.07 16.80
CA GLU A 17 -5.32 30.41 17.09
C GLU A 17 -4.59 30.01 15.79
N TRP A 18 -5.27 29.91 14.65
CA TRP A 18 -4.60 29.48 13.41
C TRP A 18 -3.49 30.46 13.03
N LYS A 19 -3.72 31.75 13.12
CA LYS A 19 -2.67 32.69 12.74
C LYS A 19 -1.54 32.69 13.77
N LYS A 20 -1.87 32.45 15.05
CA LYS A 20 -0.85 32.28 16.06
C LYS A 20 0.02 31.07 15.78
N LEU A 21 -0.57 29.96 15.38
CA LEU A 21 0.23 28.80 15.01
C LEU A 21 1.10 29.06 13.78
N GLU A 22 0.61 29.86 12.80
CA GLU A 22 1.43 30.25 11.65
C GLU A 22 2.68 31.00 12.14
N GLU A 23 2.54 31.88 13.14
CA GLU A 23 3.65 32.62 13.68
C GLU A 23 4.62 31.70 14.43
N THR A 24 4.07 30.77 15.21
CA THR A 24 4.91 29.80 15.90
C THR A 24 5.65 28.90 14.92
N TYR A 25 4.97 28.51 13.83
CA TYR A 25 5.65 27.74 12.83
C TYR A 25 6.89 28.50 12.31
N LYS A 26 6.72 29.78 12.01
CA LYS A 26 7.83 30.56 11.47
C LYS A 26 8.95 30.72 12.50
N SER A 27 8.63 30.89 13.78
CA SER A 27 9.68 31.22 14.75
C SER A 27 10.33 29.99 15.39
N VAL A 28 9.61 28.88 15.53
CA VAL A 28 9.97 27.71 16.33
C VAL A 28 9.87 26.43 15.50
N GLY A 29 8.78 26.27 14.72
CA GLY A 29 8.44 24.98 14.14
C GLY A 29 9.32 24.60 12.96
N GLU A 30 9.49 25.53 12.03
CA GLU A 30 10.07 25.24 10.72
C GLU A 30 11.45 24.62 10.92
N LYS A 31 12.24 25.21 11.81
CA LYS A 31 13.61 24.74 12.05
C LYS A 31 13.73 23.92 13.32
N PHE A 32 12.63 23.29 13.77
CA PHE A 32 12.63 22.62 15.07
C PHE A 32 13.69 21.54 15.10
N SER A 33 14.46 21.53 16.19
CA SER A 33 15.46 20.51 16.45
C SER A 33 14.98 19.62 17.60
N VAL A 34 14.66 18.37 17.27
CA VAL A 34 14.28 17.40 18.28
C VAL A 34 15.45 17.06 19.19
N ARG A 35 16.68 16.97 18.65
CA ARG A 35 17.85 16.78 19.50
C ARG A 35 17.96 17.87 20.56
N ASP A 36 17.79 19.13 20.14
CA ASP A 36 17.83 20.24 21.06
C ASP A 36 16.68 20.20 22.07
N ALA A 37 15.50 19.72 21.65
CA ALA A 37 14.40 19.62 22.59
C ALA A 37 14.71 18.66 23.75
N PHE A 38 15.33 17.52 23.44
CA PHE A 38 15.64 16.54 24.47
C PHE A 38 16.72 17.11 25.40
N ALA A 39 17.67 17.83 24.80
CA ALA A 39 18.75 18.44 25.59
C ALA A 39 18.20 19.50 26.54
N LYS A 40 17.17 20.24 26.13
CA LYS A 40 16.60 21.30 26.93
C LYS A 40 15.74 20.78 28.08
N ASP A 41 15.06 19.65 27.85
CA ASP A 41 13.99 19.17 28.72
C ASP A 41 14.30 17.76 29.17
N PRO A 42 14.88 17.54 30.38
CA PRO A 42 15.17 16.19 30.82
C PRO A 42 13.96 15.31 30.99
N LYS A 43 12.77 15.91 31.03
CA LYS A 43 11.57 15.14 31.27
C LYS A 43 10.76 14.99 29.96
N ARG A 44 11.40 15.21 28.82
CA ARG A 44 10.67 15.24 27.55
C ARG A 44 9.94 13.93 27.28
N PHE A 45 10.59 12.80 27.49
CA PHE A 45 9.93 11.54 27.21
C PHE A 45 8.68 11.40 28.08
N GLU A 46 8.83 11.66 29.40
CA GLU A 46 7.67 11.59 30.27
C GLU A 46 6.58 12.56 29.83
N GLU A 47 6.92 13.77 29.38
CA GLU A 47 5.94 14.80 29.07
C GLU A 47 5.19 14.53 27.76
N PHE A 48 5.80 13.80 26.83
CA PHE A 48 5.24 13.62 25.49
C PHE A 48 4.99 12.14 25.19
N SER A 49 4.87 11.33 26.23
CA SER A 49 4.43 9.96 26.09
C SER A 49 3.27 9.75 27.07
N TRP A 50 2.35 8.87 26.70
CA TRP A 50 1.20 8.53 27.54
C TRP A 50 1.00 7.03 27.51
N ILE A 51 0.69 6.43 28.68
CA ILE A 51 0.30 5.04 28.79
C ILE A 51 -1.22 4.95 28.77
N TYR A 52 -1.74 4.19 27.81
CA TYR A 52 -3.16 3.84 27.75
C TYR A 52 -3.37 2.50 28.44
N LYS A 53 -4.35 2.47 29.37
CA LYS A 53 -4.72 1.23 30.04
C LYS A 53 -6.05 0.76 29.47
N ASN A 54 -6.04 -0.48 28.95
CA ASN A 54 -7.18 -1.08 28.34
C ASN A 54 -8.09 -1.67 29.42
N TYR A 55 -9.29 -2.13 29.00
CA TYR A 55 -10.30 -2.60 29.95
C TYR A 55 -9.82 -3.84 30.72
N ASP A 56 -8.87 -4.57 30.14
CA ASP A 56 -8.36 -5.83 30.65
C ASP A 56 -7.05 -5.62 31.42
N ASP A 57 -6.68 -4.35 31.68
CA ASP A 57 -5.49 -3.91 32.39
C ASP A 57 -4.21 -4.11 31.59
N SER A 58 -4.32 -4.52 30.31
CA SER A 58 -3.19 -4.45 29.42
C SER A 58 -2.93 -2.98 29.06
N LYS A 59 -1.77 -2.72 28.47
CA LYS A 59 -1.28 -1.36 28.28
C LYS A 59 -0.71 -1.17 26.89
N ILE A 60 -0.76 0.10 26.45
CA ILE A 60 -0.15 0.54 25.21
C ILE A 60 0.55 1.85 25.50
N LEU A 61 1.88 1.93 25.20
CA LEU A 61 2.60 3.21 25.34
C LEU A 61 2.53 3.97 24.01
N PHE A 62 2.07 5.21 24.05
CA PHE A 62 2.06 6.11 22.88
C PHE A 62 3.13 7.17 23.16
N ASP A 63 4.24 7.08 22.41
CA ASP A 63 5.38 7.98 22.61
C ASP A 63 5.44 8.95 21.43
N PHE A 64 5.03 10.23 21.66
CA PHE A 64 5.05 11.27 20.65
C PHE A 64 6.34 12.13 20.71
N SER A 65 7.30 11.79 21.60
CA SER A 65 8.41 12.69 21.94
C SER A 65 9.45 12.90 20.84
N LYS A 66 9.46 12.09 19.77
CA LYS A 66 10.34 12.38 18.63
C LYS A 66 9.65 13.19 17.53
N ASN A 67 8.48 13.78 17.86
CA ASN A 67 7.80 14.69 16.94
C ASN A 67 8.33 16.12 17.06
N LEU A 68 8.02 16.92 16.06
CA LEU A 68 8.45 18.32 16.04
C LEU A 68 7.48 19.17 16.84
N VAL A 69 7.53 19.01 18.16
CA VAL A 69 6.49 19.56 19.03
C VAL A 69 7.16 19.83 20.36
N ASN A 70 6.68 20.85 21.05
CA ASN A 70 7.07 21.15 22.43
C ASN A 70 5.85 21.67 23.18
N LYS A 71 6.02 22.02 24.45
CA LYS A 71 4.91 22.47 25.27
C LYS A 71 4.17 23.63 24.61
N GLU A 72 4.89 24.66 24.16
CA GLU A 72 4.26 25.80 23.52
C GLU A 72 3.38 25.41 22.32
N ILE A 73 3.96 24.60 21.42
CA ILE A 73 3.23 24.19 20.22
C ILE A 73 2.01 23.36 20.59
N LEU A 74 2.15 22.34 21.48
CA LEU A 74 1.03 21.49 21.84
C LEU A 74 -0.08 22.29 22.51
N ASP A 75 0.28 23.24 23.39
CA ASP A 75 -0.72 24.08 24.04
C ASP A 75 -1.50 24.91 23.03
N GLN A 76 -0.82 25.41 21.98
CA GLN A 76 -1.50 26.18 20.94
C GLN A 76 -2.43 25.28 20.13
N LEU A 77 -1.99 24.06 19.85
CA LEU A 77 -2.82 23.15 19.09
C LEU A 77 -4.06 22.77 19.92
N VAL A 78 -3.91 22.55 21.23
CA VAL A 78 -5.05 22.31 22.09
C VAL A 78 -6.02 23.51 22.08
N THR A 79 -5.50 24.75 22.10
CA THR A 79 -6.36 25.93 22.02
C THR A 79 -7.17 25.94 20.72
N LEU A 80 -6.48 25.60 19.62
CA LEU A 80 -7.13 25.49 18.34
C LEU A 80 -8.28 24.47 18.42
N ALA A 81 -8.04 23.29 18.99
CA ALA A 81 -9.10 22.30 19.14
C ALA A 81 -10.29 22.82 19.96
N LYS A 82 -10.03 23.61 20.99
CA LYS A 82 -11.11 24.24 21.76
C LYS A 82 -11.89 25.22 20.90
N GLU A 83 -11.19 26.06 20.14
CA GLU A 83 -11.85 27.04 19.29
C GLU A 83 -12.70 26.37 18.22
N ALA A 84 -12.26 25.18 17.76
CA ALA A 84 -12.93 24.44 16.72
C ALA A 84 -14.13 23.63 17.25
N GLY A 85 -14.28 23.57 18.58
CA GLY A 85 -15.35 22.80 19.18
C GLY A 85 -15.24 21.31 18.93
N VAL A 86 -14.01 20.76 18.95
CA VAL A 86 -13.82 19.33 18.89
C VAL A 86 -14.68 18.61 19.93
N GLU A 87 -14.66 19.08 21.18
CA GLU A 87 -15.39 18.41 22.25
C GLU A 87 -16.89 18.44 22.03
N LYS A 88 -17.46 19.58 21.58
CA LYS A 88 -18.88 19.67 21.29
C LYS A 88 -19.31 18.70 20.17
N LEU A 89 -18.49 18.58 19.11
CA LEU A 89 -18.82 17.68 18.03
C LEU A 89 -18.72 16.25 18.51
N ARG A 90 -17.68 15.96 19.28
CA ARG A 90 -17.53 14.59 19.79
C ARG A 90 -18.75 14.25 20.65
N ASP A 91 -19.12 15.13 21.55
CA ASP A 91 -20.24 14.85 22.45
C ASP A 91 -21.52 14.62 21.65
N ALA A 92 -21.71 15.37 20.56
CA ALA A 92 -22.86 15.20 19.68
C ALA A 92 -22.83 13.84 18.98
N MET A 93 -21.64 13.41 18.53
CA MET A 93 -21.51 12.07 18.00
C MET A 93 -22.00 11.01 18.98
N PHE A 94 -21.53 11.12 20.23
CA PHE A 94 -21.84 10.12 21.23
C PHE A 94 -23.30 10.23 21.68
N ALA A 95 -23.92 11.39 21.50
CA ALA A 95 -25.35 11.60 21.82
C ALA A 95 -26.28 11.05 20.77
N GLY A 96 -25.74 10.62 19.61
CA GLY A 96 -26.58 10.09 18.54
C GLY A 96 -27.10 11.17 17.60
N ASP A 97 -26.60 12.41 17.73
CA ASP A 97 -27.05 13.48 16.86
C ASP A 97 -26.68 13.18 15.41
N HIS A 98 -27.42 13.77 14.46
CA HIS A 98 -27.16 13.56 13.05
C HIS A 98 -26.02 14.45 12.52
N ILE A 99 -24.81 14.17 12.98
CA ILE A 99 -23.64 14.98 12.62
C ILE A 99 -23.15 14.70 11.19
N ASN A 100 -23.62 13.62 10.57
CA ASN A 100 -23.43 13.40 9.14
C ASN A 100 -24.50 14.23 8.45
N THR A 101 -24.21 15.52 8.25
CA THR A 101 -25.24 16.49 7.92
C THR A 101 -25.73 16.34 6.49
N THR A 102 -24.87 15.90 5.57
CA THR A 102 -25.21 15.84 4.16
C THR A 102 -26.09 14.65 3.83
N GLU A 103 -26.00 13.56 4.60
CA GLU A 103 -26.88 12.41 4.44
C GLU A 103 -27.96 12.40 5.54
N ASP A 104 -27.89 13.33 6.49
CA ASP A 104 -28.81 13.44 7.62
C ASP A 104 -28.88 12.14 8.38
N ARG A 105 -27.71 11.75 8.88
CA ARG A 105 -27.53 10.48 9.57
C ARG A 105 -26.76 10.71 10.88
N ALA A 106 -27.08 9.86 11.88
CA ALA A 106 -26.24 9.68 13.04
C ALA A 106 -24.93 9.03 12.59
N VAL A 107 -23.94 9.10 13.49
CA VAL A 107 -22.59 8.56 13.28
C VAL A 107 -22.28 7.77 14.52
N TYR A 108 -22.60 6.45 14.48
CA TYR A 108 -22.78 5.71 15.72
C TYR A 108 -22.07 4.37 15.72
N HIS A 109 -20.91 4.29 15.07
CA HIS A 109 -20.05 3.12 15.27
C HIS A 109 -19.76 2.94 16.76
N VAL A 110 -19.67 4.01 17.58
CA VAL A 110 -19.35 3.81 18.98
C VAL A 110 -20.43 2.95 19.67
N ALA A 111 -21.68 3.01 19.21
CA ALA A 111 -22.74 2.21 19.78
C ALA A 111 -22.56 0.73 19.49
N LEU A 112 -21.81 0.36 18.44
CA LEU A 112 -21.68 -1.05 18.07
C LEU A 112 -20.92 -1.84 19.12
N ARG A 113 -19.98 -1.18 19.80
CA ARG A 113 -19.11 -1.80 20.78
C ARG A 113 -19.53 -1.44 22.24
N ASN A 114 -20.79 -1.00 22.39
CA ASN A 114 -21.36 -0.66 23.69
C ASN A 114 -21.67 -1.94 24.50
N ARG A 115 -20.65 -2.74 24.85
CA ARG A 115 -20.86 -3.97 25.62
C ARG A 115 -21.28 -3.65 27.06
N ALA A 116 -21.01 -2.42 27.55
CA ALA A 116 -21.48 -2.00 28.88
C ALA A 116 -22.99 -1.81 28.86
N LEU A 117 -23.64 -1.71 27.68
CA LEU A 117 -25.07 -1.44 27.54
C LEU A 117 -25.41 -0.10 28.19
N ARG A 118 -24.56 0.90 27.97
CA ARG A 118 -24.92 2.26 28.30
C ARG A 118 -26.10 2.68 27.44
N LYS A 119 -26.88 3.65 27.93
CA LYS A 119 -27.90 4.27 27.09
C LYS A 119 -27.25 5.09 25.97
N MET A 120 -27.49 4.66 24.72
CA MET A 120 -26.88 5.26 23.54
C MET A 120 -27.96 5.38 22.47
N PRO A 121 -28.72 6.48 22.45
CA PRO A 121 -29.91 6.62 21.62
C PRO A 121 -29.68 7.27 20.27
N VAL A 122 -30.41 6.78 19.26
CA VAL A 122 -30.57 7.44 17.97
C VAL A 122 -32.05 7.76 17.80
N ASP A 123 -32.36 9.01 17.41
CA ASP A 123 -33.75 9.39 17.24
C ASP A 123 -34.54 9.14 18.55
N GLY A 124 -33.85 9.35 19.66
CA GLY A 124 -34.48 9.29 20.98
C GLY A 124 -34.80 7.90 21.48
N LYS A 125 -34.36 6.85 20.75
CA LYS A 125 -34.52 5.48 21.18
C LYS A 125 -33.17 4.78 21.40
N ASP A 126 -32.98 4.24 22.58
CA ASP A 126 -31.75 3.51 22.88
C ASP A 126 -31.51 2.38 21.89
N THR A 127 -30.21 2.30 21.50
CA THR A 127 -29.73 1.31 20.54
C THR A 127 -29.15 0.08 21.25
N ALA A 128 -28.95 0.13 22.58
CA ALA A 128 -28.13 -0.90 23.24
C ALA A 128 -28.68 -2.29 23.00
N GLN A 129 -30.01 -2.46 23.15
CA GLN A 129 -30.56 -3.80 23.01
C GLN A 129 -30.58 -4.27 21.55
N GLU A 130 -30.89 -3.39 20.61
CA GLU A 130 -30.94 -3.77 19.20
CA GLU A 130 -30.90 -3.67 19.18
C GLU A 130 -29.53 -4.20 18.72
N VAL A 131 -28.48 -3.50 19.17
CA VAL A 131 -27.10 -3.86 18.81
C VAL A 131 -26.77 -5.23 19.42
N ASP A 132 -27.07 -5.33 20.72
CA ASP A 132 -26.78 -6.54 21.45
C ASP A 132 -27.49 -7.75 20.84
N ASP A 133 -28.72 -7.57 20.37
CA ASP A 133 -29.46 -8.69 19.79
C ASP A 133 -28.76 -9.21 18.53
N VAL A 134 -28.21 -8.32 17.69
CA VAL A 134 -27.47 -8.75 16.53
C VAL A 134 -26.23 -9.51 16.98
N LEU A 135 -25.53 -9.01 18.02
CA LEU A 135 -24.36 -9.71 18.55
C LEU A 135 -24.76 -11.08 19.05
N LYS A 136 -25.94 -11.21 19.64
CA LYS A 136 -26.40 -12.49 20.15
CA LYS A 136 -26.32 -12.52 20.17
C LYS A 136 -26.55 -13.48 19.00
N HIS A 137 -27.10 -12.98 17.91
CA HIS A 137 -27.27 -13.77 16.68
C HIS A 137 -25.90 -14.19 16.11
N MET A 138 -24.96 -13.26 16.08
CA MET A 138 -23.62 -13.49 15.57
C MET A 138 -22.96 -14.57 16.43
N LYS A 139 -23.11 -14.49 17.77
CA LYS A 139 -22.51 -15.48 18.64
C LYS A 139 -23.12 -16.86 18.35
N GLU A 140 -24.46 -16.95 18.32
CA GLU A 140 -25.14 -18.22 18.09
C GLU A 140 -24.62 -18.86 16.80
N PHE A 141 -24.66 -18.07 15.71
CA PHE A 141 -24.33 -18.59 14.39
C PHE A 141 -22.84 -18.97 14.32
N SER A 142 -21.94 -18.06 14.71
CA SER A 142 -20.52 -18.37 14.65
C SER A 142 -20.18 -19.57 15.54
N ASP A 143 -20.79 -19.68 16.73
CA ASP A 143 -20.59 -20.88 17.56
C ASP A 143 -21.02 -22.14 16.80
N SER A 144 -22.16 -22.09 16.10
CA SER A 144 -22.70 -23.25 15.38
CA SER A 144 -22.68 -23.28 15.40
C SER A 144 -21.82 -23.64 14.20
N ILE A 145 -21.20 -22.65 13.56
CA ILE A 145 -20.27 -22.97 12.47
C ILE A 145 -19.06 -23.66 13.07
N ARG A 146 -18.55 -23.15 14.18
CA ARG A 146 -17.29 -23.63 14.74
C ARG A 146 -17.42 -24.99 15.42
N ASP A 147 -18.61 -25.28 15.96
CA ASP A 147 -18.83 -26.57 16.64
C ASP A 147 -19.49 -27.60 15.71
N GLY A 148 -19.72 -27.27 14.44
CA GLY A 148 -20.26 -28.24 13.50
C GLY A 148 -21.77 -28.49 13.62
N SER A 149 -22.49 -27.74 14.44
CA SER A 149 -23.91 -27.90 14.58
C SER A 149 -24.61 -27.30 13.35
N TRP A 150 -23.98 -26.28 12.74
CA TRP A 150 -24.43 -25.82 11.45
C TRP A 150 -23.67 -26.53 10.36
N THR A 151 -24.31 -27.49 9.70
CA THR A 151 -23.69 -28.26 8.65
C THR A 151 -24.13 -27.77 7.29
N GLY A 152 -23.30 -28.07 6.30
CA GLY A 152 -23.64 -27.90 4.89
C GLY A 152 -24.76 -28.83 4.44
N TYR A 153 -25.11 -28.78 3.17
CA TYR A 153 -26.29 -29.47 2.69
C TYR A 153 -26.08 -30.97 2.62
N THR A 154 -24.83 -31.43 2.75
CA THR A 154 -24.57 -32.87 2.86
C THR A 154 -24.12 -33.31 4.27
N GLY A 155 -24.35 -32.48 5.28
CA GLY A 155 -24.10 -32.78 6.70
C GLY A 155 -22.66 -32.66 7.13
N LYS A 156 -21.81 -32.00 6.31
CA LYS A 156 -20.40 -31.81 6.61
C LYS A 156 -20.21 -30.45 7.30
N SER A 157 -19.25 -30.42 8.22
CA SER A 157 -18.84 -29.19 8.89
C SER A 157 -18.34 -28.24 7.85
N ILE A 158 -18.59 -26.92 8.07
CA ILE A 158 -18.02 -25.89 7.21
C ILE A 158 -16.52 -25.79 7.43
N THR A 159 -15.78 -25.71 6.32
CA THR A 159 -14.33 -25.59 6.37
C THR A 159 -13.85 -24.23 5.83
N ASP A 160 -14.65 -23.60 4.99
CA ASP A 160 -14.25 -22.37 4.33
C ASP A 160 -15.38 -21.36 4.35
N VAL A 161 -15.08 -20.13 4.74
CA VAL A 161 -16.04 -19.04 4.82
C VAL A 161 -15.57 -17.97 3.83
N VAL A 162 -16.43 -17.57 2.90
CA VAL A 162 -16.05 -16.58 1.89
C VAL A 162 -16.95 -15.35 2.08
N ASN A 163 -16.33 -14.23 2.44
CA ASN A 163 -16.97 -12.94 2.53
C ASN A 163 -17.00 -12.36 1.12
N ILE A 164 -18.14 -11.89 0.66
CA ILE A 164 -18.22 -11.23 -0.65
C ILE A 164 -18.70 -9.83 -0.35
N GLY A 165 -17.90 -8.83 -0.70
CA GLY A 165 -18.21 -7.46 -0.41
C GLY A 165 -17.06 -6.60 -0.88
N ILE A 166 -17.24 -5.28 -0.90
CA ILE A 166 -16.18 -4.39 -1.39
C ILE A 166 -16.08 -3.16 -0.48
N GLY A 167 -14.89 -2.54 -0.45
CA GLY A 167 -14.75 -1.31 0.33
C GLY A 167 -14.91 -1.57 1.82
N GLY A 168 -15.76 -0.78 2.48
CA GLY A 168 -16.03 -0.96 3.88
C GLY A 168 -16.60 -2.34 4.23
N SER A 169 -17.18 -3.02 3.26
CA SER A 169 -17.74 -4.35 3.48
C SER A 169 -16.73 -5.47 3.23
N ASP A 170 -15.46 -5.10 2.99
CA ASP A 170 -14.38 -6.04 2.68
C ASP A 170 -13.16 -5.81 3.56
N LEU A 171 -12.61 -4.59 3.62
CA LEU A 171 -11.24 -4.43 4.03
C LEU A 171 -11.09 -4.62 5.55
N GLY A 172 -12.12 -4.31 6.38
CA GLY A 172 -12.03 -4.58 7.80
C GLY A 172 -11.94 -6.08 8.07
N PRO A 173 -12.89 -6.87 7.53
CA PRO A 173 -12.80 -8.34 7.59
C PRO A 173 -11.42 -8.86 7.16
N VAL A 174 -10.91 -8.38 5.99
CA VAL A 174 -9.58 -8.80 5.56
C VAL A 174 -8.55 -8.50 6.66
N MET A 175 -8.43 -7.22 7.03
CA MET A 175 -7.32 -6.77 7.82
C MET A 175 -7.37 -7.43 9.20
N VAL A 176 -8.58 -7.53 9.78
CA VAL A 176 -8.69 -8.01 11.16
C VAL A 176 -8.49 -9.55 11.18
N THR A 177 -9.02 -10.27 10.21
CA THR A 177 -8.74 -11.70 10.22
C THR A 177 -7.24 -11.97 10.03
N GLU A 178 -6.56 -11.20 9.16
CA GLU A 178 -5.09 -11.33 9.06
C GLU A 178 -4.42 -11.02 10.41
N ALA A 179 -4.80 -9.88 11.00
CA ALA A 179 -4.17 -9.39 12.19
C ALA A 179 -4.30 -10.36 13.38
N LEU A 180 -5.44 -11.05 13.44
CA LEU A 180 -5.78 -11.91 14.58
C LEU A 180 -5.72 -13.40 14.18
N LYS A 181 -4.98 -13.71 13.12
CA LYS A 181 -4.88 -15.07 12.60
C LYS A 181 -4.36 -16.05 13.64
N ALA A 182 -3.51 -15.60 14.55
CA ALA A 182 -3.00 -16.47 15.62
C ALA A 182 -4.14 -17.11 16.43
N TYR A 183 -5.34 -16.48 16.44
CA TYR A 183 -6.48 -16.90 17.24
C TYR A 183 -7.42 -17.84 16.49
N SER A 184 -7.07 -18.20 15.25
CA SER A 184 -7.90 -19.06 14.40
C SER A 184 -7.68 -20.54 14.73
N LYS A 185 -8.48 -21.42 14.12
CA LYS A 185 -8.30 -22.84 14.40
C LYS A 185 -7.98 -23.56 13.10
N PRO A 186 -7.21 -24.66 13.19
CA PRO A 186 -6.88 -25.42 12.00
C PRO A 186 -8.17 -25.95 11.35
N GLY A 187 -8.20 -25.90 10.03
CA GLY A 187 -9.29 -26.48 9.27
C GLY A 187 -10.51 -25.58 9.05
N LEU A 188 -10.46 -24.33 9.52
CA LEU A 188 -11.56 -23.38 9.32
C LEU A 188 -10.95 -22.08 8.83
N ASN A 189 -11.09 -21.88 7.52
CA ASN A 189 -10.39 -20.84 6.78
C ASN A 189 -11.37 -19.78 6.29
N VAL A 190 -10.85 -18.56 6.13
CA VAL A 190 -11.62 -17.45 5.57
C VAL A 190 -10.98 -16.97 4.26
N HIS A 191 -11.86 -16.48 3.39
CA HIS A 191 -11.50 -16.00 2.07
C HIS A 191 -12.35 -14.80 1.75
N PHE A 192 -11.94 -14.05 0.71
CA PHE A 192 -12.53 -12.76 0.40
C PHE A 192 -12.65 -12.66 -1.12
N ILE A 193 -13.84 -12.34 -1.60
CA ILE A 193 -14.05 -11.94 -2.98
C ILE A 193 -14.60 -10.50 -2.92
N SER A 194 -13.96 -9.59 -3.60
CA SER A 194 -14.35 -8.19 -3.52
C SER A 194 -14.31 -7.53 -4.89
N ASN A 195 -13.21 -7.63 -5.63
CA ASN A 195 -13.08 -6.99 -6.93
C ASN A 195 -14.16 -7.51 -7.89
N ILE A 196 -14.67 -6.69 -8.79
CA ILE A 196 -15.50 -7.19 -9.89
C ILE A 196 -14.67 -8.01 -10.88
N ASP A 197 -13.38 -7.71 -11.02
CA ASP A 197 -12.49 -8.48 -11.91
C ASP A 197 -12.73 -9.97 -11.68
N GLY A 198 -13.12 -10.70 -12.73
CA GLY A 198 -13.49 -12.11 -12.60
C GLY A 198 -12.38 -13.02 -12.10
N THR A 199 -11.13 -12.54 -12.21
CA THR A 199 -10.02 -13.21 -11.56
C THR A 199 -10.30 -13.48 -10.08
N HIS A 200 -10.89 -12.52 -9.36
CA HIS A 200 -11.04 -12.67 -7.92
C HIS A 200 -11.98 -13.86 -7.61
N THR A 201 -13.08 -13.95 -8.35
CA THR A 201 -14.01 -15.07 -8.21
C THR A 201 -13.33 -16.38 -8.59
N ALA A 202 -12.70 -16.40 -9.76
CA ALA A 202 -12.14 -17.62 -10.33
C ALA A 202 -11.08 -18.19 -9.38
N GLU A 203 -10.14 -17.37 -8.95
CA GLU A 203 -9.04 -17.85 -8.12
C GLU A 203 -9.52 -18.23 -6.72
N THR A 204 -10.50 -17.51 -6.16
CA THR A 204 -10.90 -17.82 -4.80
C THR A 204 -11.65 -19.14 -4.75
N LEU A 205 -12.48 -19.43 -5.76
CA LEU A 205 -13.36 -20.61 -5.68
C LEU A 205 -12.67 -21.85 -6.20
N LYS A 206 -11.52 -21.68 -6.86
CA LYS A 206 -10.84 -22.75 -7.60
C LYS A 206 -10.72 -24.04 -6.80
N ASN A 207 -10.29 -23.94 -5.54
CA ASN A 207 -9.99 -25.16 -4.78
C ASN A 207 -11.02 -25.42 -3.68
N LEU A 208 -12.16 -24.72 -3.67
CA LEU A 208 -13.13 -24.87 -2.60
C LEU A 208 -14.20 -25.91 -2.95
N ASN A 209 -14.79 -26.52 -1.91
CA ASN A 209 -15.84 -27.53 -2.05
C ASN A 209 -17.20 -26.90 -1.72
N PRO A 210 -18.18 -26.81 -2.64
CA PRO A 210 -19.48 -26.28 -2.32
C PRO A 210 -20.11 -26.87 -1.06
N GLU A 211 -19.88 -28.17 -0.80
CA GLU A 211 -20.50 -28.81 0.36
C GLU A 211 -20.04 -28.24 1.68
N THR A 212 -18.85 -27.62 1.72
CA THR A 212 -18.27 -27.18 2.98
C THR A 212 -17.88 -25.69 2.97
N THR A 213 -18.46 -24.97 2.02
CA THR A 213 -18.21 -23.53 1.88
C THR A 213 -19.45 -22.71 2.25
N LEU A 214 -19.27 -21.72 3.14
CA LEU A 214 -20.31 -20.78 3.54
C LEU A 214 -19.97 -19.41 2.95
N PHE A 215 -20.96 -18.76 2.33
CA PHE A 215 -20.82 -17.39 1.84
C PHE A 215 -21.53 -16.42 2.77
N LEU A 216 -20.85 -15.28 3.01
CA LEU A 216 -21.44 -14.13 3.66
C LEU A 216 -21.46 -13.03 2.60
N ILE A 217 -22.65 -12.54 2.27
CA ILE A 217 -22.80 -11.45 1.32
C ILE A 217 -22.87 -10.17 2.14
N ALA A 218 -21.78 -9.37 2.09
CA ALA A 218 -21.59 -8.24 2.99
C ALA A 218 -21.87 -6.95 2.20
N SER A 219 -23.01 -6.31 2.46
CA SER A 219 -23.39 -5.12 1.71
C SER A 219 -24.42 -4.33 2.53
N LYS A 220 -24.02 -3.12 2.95
CA LYS A 220 -24.91 -2.21 3.65
C LYS A 220 -26.20 -2.02 2.87
N THR A 221 -26.07 -1.64 1.59
CA THR A 221 -27.24 -1.34 0.74
C THR A 221 -27.86 -2.58 0.16
N PHE A 222 -27.02 -3.60 -0.04
CA PHE A 222 -27.40 -4.80 -0.74
C PHE A 222 -27.77 -4.49 -2.20
N THR A 223 -27.20 -3.39 -2.76
CA THR A 223 -27.40 -3.09 -4.17
C THR A 223 -26.10 -2.83 -4.96
N THR A 224 -24.93 -2.83 -4.29
CA THR A 224 -23.67 -2.55 -4.96
C THR A 224 -23.42 -3.49 -6.13
N ALA A 225 -23.11 -2.93 -7.30
CA ALA A 225 -22.98 -3.72 -8.51
C ALA A 225 -21.98 -4.86 -8.37
N GLU A 226 -20.76 -4.55 -7.89
CA GLU A 226 -19.72 -5.57 -7.81
C GLU A 226 -20.18 -6.68 -6.90
N THR A 227 -20.79 -6.31 -5.75
CA THR A 227 -21.09 -7.32 -4.75
C THR A 227 -22.21 -8.23 -5.24
N ILE A 228 -23.25 -7.63 -5.80
CA ILE A 228 -24.37 -8.48 -6.23
C ILE A 228 -23.96 -9.35 -7.42
N THR A 229 -23.14 -8.79 -8.31
CA THR A 229 -22.63 -9.57 -9.45
C THR A 229 -21.81 -10.74 -8.91
N ASN A 230 -20.87 -10.46 -8.00
CA ASN A 230 -20.04 -11.49 -7.39
C ASN A 230 -20.89 -12.52 -6.64
N ALA A 231 -21.95 -12.06 -5.96
CA ALA A 231 -22.75 -12.97 -5.17
C ALA A 231 -23.54 -13.89 -6.10
N THR A 232 -24.00 -13.35 -7.23
CA THR A 232 -24.69 -14.16 -8.23
C THR A 232 -23.73 -15.23 -8.77
N SER A 233 -22.48 -14.85 -9.06
CA SER A 233 -21.49 -15.80 -9.53
C SER A 233 -21.27 -16.93 -8.53
N ALA A 234 -21.18 -16.57 -7.24
CA ALA A 234 -21.01 -17.54 -6.19
C ALA A 234 -22.23 -18.47 -6.11
N LYS A 235 -23.42 -17.91 -6.22
CA LYS A 235 -24.64 -18.75 -6.18
C LYS A 235 -24.63 -19.74 -7.35
N ASN A 236 -24.27 -19.28 -8.53
CA ASN A 236 -24.15 -20.13 -9.73
C ASN A 236 -23.17 -21.27 -9.50
N TRP A 237 -21.99 -20.95 -8.95
CA TRP A 237 -20.96 -21.95 -8.65
C TRP A 237 -21.51 -22.96 -7.66
N PHE A 238 -22.19 -22.49 -6.64
CA PHE A 238 -22.77 -23.37 -5.64
C PHE A 238 -23.78 -24.33 -6.29
N LEU A 239 -24.72 -23.77 -7.06
CA LEU A 239 -25.82 -24.57 -7.60
C LEU A 239 -25.30 -25.53 -8.68
N ALA A 240 -24.14 -25.25 -9.30
CA ALA A 240 -23.58 -26.14 -10.31
C ALA A 240 -23.33 -27.51 -9.68
N THR A 241 -23.05 -27.56 -8.37
CA THR A 241 -22.81 -28.80 -7.64
C THR A 241 -24.05 -29.24 -6.84
N ALA A 242 -24.68 -28.30 -6.13
CA ALA A 242 -25.77 -28.60 -5.20
C ALA A 242 -27.11 -28.86 -5.92
N LYS A 243 -27.31 -28.22 -7.08
CA LYS A 243 -28.44 -28.39 -7.97
C LYS A 243 -29.70 -27.70 -7.47
N ASP A 244 -30.10 -27.93 -6.23
CA ASP A 244 -31.38 -27.51 -5.70
C ASP A 244 -31.25 -26.22 -4.91
N SER A 245 -32.00 -25.18 -5.28
CA SER A 245 -31.97 -23.92 -4.54
C SER A 245 -32.38 -24.06 -3.08
N LYS A 246 -33.01 -25.15 -2.62
CA LYS A 246 -33.38 -25.24 -1.21
C LYS A 246 -32.12 -25.28 -0.34
N HIS A 247 -30.99 -25.70 -0.94
CA HIS A 247 -29.75 -25.87 -0.20
C HIS A 247 -29.04 -24.53 0.05
N ILE A 248 -29.49 -23.45 -0.64
CA ILE A 248 -28.88 -22.13 -0.46
C ILE A 248 -28.97 -21.71 1.00
N ALA A 249 -30.07 -22.08 1.70
CA ALA A 249 -30.30 -21.65 3.07
C ALA A 249 -29.20 -22.11 4.03
N LYS A 250 -28.43 -23.17 3.71
CA LYS A 250 -27.37 -23.62 4.59
C LYS A 250 -26.01 -22.99 4.21
N HIS A 251 -25.96 -22.27 3.07
CA HIS A 251 -24.67 -21.81 2.57
C HIS A 251 -24.56 -20.29 2.29
N PHE A 252 -25.64 -19.53 2.39
CA PHE A 252 -25.57 -18.09 2.10
C PHE A 252 -26.24 -17.31 3.22
N ALA A 253 -25.50 -16.37 3.80
CA ALA A 253 -26.01 -15.44 4.79
C ALA A 253 -25.71 -14.04 4.29
N ALA A 254 -26.40 -13.05 4.86
CA ALA A 254 -26.27 -11.66 4.44
C ALA A 254 -26.00 -10.74 5.63
N LEU A 255 -25.14 -9.74 5.39
CA LEU A 255 -24.75 -8.77 6.42
C LEU A 255 -25.18 -7.43 5.82
N SER A 256 -26.26 -6.83 6.30
CA SER A 256 -26.90 -5.76 5.53
C SER A 256 -27.83 -4.94 6.38
N THR A 257 -28.18 -3.76 5.83
CA THR A 257 -29.27 -2.95 6.38
C THR A 257 -30.58 -3.13 5.60
N ASN A 258 -30.60 -3.87 4.49
CA ASN A 258 -31.71 -3.85 3.53
C ASN A 258 -32.35 -5.23 3.43
N GLU A 259 -33.31 -5.50 4.33
CA GLU A 259 -33.91 -6.83 4.36
C GLU A 259 -34.65 -7.14 3.08
N LYS A 260 -35.37 -6.17 2.51
CA LYS A 260 -36.13 -6.43 1.30
C LYS A 260 -35.23 -6.93 0.17
N GLU A 261 -34.04 -6.32 0.00
CA GLU A 261 -33.18 -6.73 -1.08
C GLU A 261 -32.49 -8.08 -0.79
N VAL A 262 -32.16 -8.33 0.50
CA VAL A 262 -31.65 -9.64 0.89
C VAL A 262 -32.61 -10.74 0.47
N VAL A 263 -33.88 -10.55 0.85
CA VAL A 263 -34.85 -11.62 0.63
C VAL A 263 -35.13 -11.77 -0.87
N ALA A 264 -35.18 -10.66 -1.60
CA ALA A 264 -35.29 -10.67 -3.07
C ALA A 264 -34.15 -11.45 -3.74
N PHE A 265 -32.95 -11.39 -3.14
CA PHE A 265 -31.80 -12.12 -3.65
C PHE A 265 -31.93 -13.62 -3.42
N GLY A 266 -32.77 -14.06 -2.49
CA GLY A 266 -32.94 -15.48 -2.23
C GLY A 266 -32.35 -15.97 -0.93
N ILE A 267 -31.91 -15.03 -0.07
CA ILE A 267 -31.39 -15.34 1.23
C ILE A 267 -32.55 -15.19 2.21
N ASP A 268 -32.68 -16.20 3.06
CA ASP A 268 -33.70 -16.21 4.10
C ASP A 268 -33.45 -15.10 5.12
N ALA A 269 -34.50 -14.43 5.59
CA ALA A 269 -34.36 -13.32 6.52
C ALA A 269 -33.79 -13.82 7.84
N LYS A 270 -33.97 -15.11 8.16
CA LYS A 270 -33.37 -15.68 9.35
C LYS A 270 -31.83 -15.70 9.29
N ASN A 271 -31.30 -15.62 8.06
CA ASN A 271 -29.86 -15.69 7.80
C ASN A 271 -29.33 -14.29 7.48
N MET A 272 -30.08 -13.25 7.86
CA MET A 272 -29.62 -11.87 7.74
C MET A 272 -29.12 -11.43 9.12
N PHE A 273 -27.97 -10.76 9.13
CA PHE A 273 -27.38 -10.15 10.30
C PHE A 273 -27.40 -8.64 10.04
N GLY A 274 -28.22 -7.90 10.80
CA GLY A 274 -28.56 -6.55 10.38
C GLY A 274 -27.66 -5.51 11.02
N PHE A 275 -27.70 -4.32 10.43
CA PHE A 275 -27.14 -3.12 11.06
C PHE A 275 -27.91 -1.93 10.49
N GLU A 276 -27.50 -0.74 10.95
CA GLU A 276 -28.27 0.45 10.67
C GLU A 276 -27.51 1.44 9.79
N SER A 277 -28.26 2.44 9.30
CA SER A 277 -27.71 3.44 8.37
C SER A 277 -26.58 4.26 9.00
N TRP A 278 -26.56 4.36 10.34
CA TRP A 278 -25.59 5.16 11.08
C TRP A 278 -24.23 4.50 11.27
N VAL A 279 -24.04 3.32 10.63
CA VAL A 279 -22.75 2.65 10.55
C VAL A 279 -22.15 2.92 9.17
N GLY A 280 -21.13 3.78 9.13
CA GLY A 280 -20.39 3.98 7.88
C GLY A 280 -19.60 2.72 7.54
N GLY A 281 -19.47 2.43 6.22
CA GLY A 281 -18.73 1.24 5.79
C GLY A 281 -17.32 1.16 6.40
N ARG A 282 -16.59 2.31 6.40
CA ARG A 282 -15.20 2.32 6.85
C ARG A 282 -15.09 2.25 8.37
N TYR A 283 -16.25 2.26 9.06
CA TYR A 283 -16.42 2.12 10.50
C TYR A 283 -17.29 0.90 10.81
N SER A 284 -17.37 -0.07 9.91
CA SER A 284 -18.37 -1.13 10.01
C SER A 284 -17.90 -2.46 10.57
N VAL A 285 -16.58 -2.68 10.74
CA VAL A 285 -16.12 -4.04 11.10
C VAL A 285 -16.65 -4.47 12.48
N TRP A 286 -17.08 -3.50 13.30
CA TRP A 286 -17.62 -3.70 14.64
C TRP A 286 -19.03 -4.25 14.62
N SER A 287 -19.72 -4.15 13.48
CA SER A 287 -21.11 -4.54 13.31
C SER A 287 -21.20 -6.01 12.83
N ALA A 288 -22.37 -6.33 12.25
CA ALA A 288 -22.63 -7.57 11.51
C ALA A 288 -21.56 -7.83 10.45
N ILE A 289 -20.99 -6.75 9.88
CA ILE A 289 -19.94 -6.89 8.87
C ILE A 289 -18.74 -7.70 9.40
N GLY A 290 -18.46 -7.66 10.72
CA GLY A 290 -17.39 -8.47 11.28
C GLY A 290 -17.72 -9.95 11.52
N LEU A 291 -18.86 -10.46 11.01
CA LEU A 291 -19.22 -11.87 11.26
C LEU A 291 -18.09 -12.83 10.87
N SER A 292 -17.40 -12.61 9.73
CA SER A 292 -16.27 -13.47 9.35
C SER A 292 -15.20 -13.50 10.43
N VAL A 293 -14.98 -12.40 11.13
CA VAL A 293 -14.01 -12.38 12.22
C VAL A 293 -14.50 -13.29 13.34
N ALA A 294 -15.75 -13.13 13.75
CA ALA A 294 -16.29 -13.95 14.82
C ALA A 294 -16.25 -15.42 14.45
N ILE A 295 -16.49 -15.74 13.18
CA ILE A 295 -16.39 -17.16 12.78
C ILE A 295 -14.92 -17.62 12.86
N TYR A 296 -13.98 -16.82 12.35
CA TYR A 296 -12.59 -17.25 12.25
C TYR A 296 -11.91 -17.43 13.60
N ILE A 297 -12.15 -16.50 14.54
CA ILE A 297 -11.44 -16.54 15.81
C ILE A 297 -12.34 -16.85 17.00
N GLY A 298 -13.65 -16.93 16.76
CA GLY A 298 -14.66 -17.16 17.80
C GLY A 298 -15.24 -15.85 18.37
N PHE A 299 -16.49 -15.94 18.81
CA PHE A 299 -17.22 -14.77 19.25
C PHE A 299 -16.54 -14.12 20.45
N GLU A 300 -16.01 -14.90 21.40
CA GLU A 300 -15.42 -14.32 22.61
C GLU A 300 -14.27 -13.39 22.22
N ASN A 301 -13.43 -13.80 21.24
CA ASN A 301 -12.33 -12.96 20.80
C ASN A 301 -12.86 -11.74 20.08
N PHE A 302 -13.90 -11.90 19.25
CA PHE A 302 -14.51 -10.76 18.58
C PHE A 302 -15.06 -9.79 19.63
N ASN A 303 -15.69 -10.32 20.69
CA ASN A 303 -16.24 -9.47 21.74
C ASN A 303 -15.13 -8.72 22.47
N ASP A 304 -13.99 -9.36 22.70
CA ASP A 304 -12.85 -8.70 23.34
C ASP A 304 -12.32 -7.55 22.46
N PHE A 305 -12.33 -7.76 21.13
CA PHE A 305 -11.99 -6.74 20.16
C PHE A 305 -12.95 -5.56 20.31
N LEU A 306 -14.25 -5.82 20.39
CA LEU A 306 -15.24 -4.73 20.62
C LEU A 306 -14.91 -3.99 21.93
N LYS A 307 -14.62 -4.72 23.00
CA LYS A 307 -14.41 -4.11 24.30
C LYS A 307 -13.15 -3.25 24.27
N GLY A 308 -12.12 -3.64 23.47
CA GLY A 308 -10.96 -2.76 23.32
C GLY A 308 -11.31 -1.41 22.69
N ALA A 309 -12.14 -1.45 21.67
CA ALA A 309 -12.63 -0.21 21.08
C ALA A 309 -13.43 0.63 22.09
N GLU A 310 -14.31 -0.02 22.84
CA GLU A 310 -15.14 0.65 23.85
C GLU A 310 -14.29 1.39 24.88
N ALA A 311 -13.19 0.76 25.32
CA ALA A 311 -12.31 1.37 26.29
C ALA A 311 -11.63 2.61 25.70
N MET A 312 -11.23 2.53 24.42
CA MET A 312 -10.60 3.68 23.79
C MET A 312 -11.64 4.78 23.57
N ASP A 313 -12.89 4.40 23.23
CA ASP A 313 -14.00 5.37 23.17
C ASP A 313 -14.16 6.11 24.49
N GLN A 314 -14.07 5.39 25.61
CA GLN A 314 -14.25 6.01 26.91
C GLN A 314 -13.09 6.95 27.22
N HIS A 315 -11.86 6.53 26.84
CA HIS A 315 -10.72 7.42 26.95
C HIS A 315 -10.96 8.72 26.18
N PHE A 316 -11.33 8.56 24.89
CA PHE A 316 -11.58 9.74 24.05
C PHE A 316 -12.67 10.66 24.60
N LEU A 317 -13.77 10.09 25.09
CA LEU A 317 -14.90 10.87 25.59
C LEU A 317 -14.58 11.63 26.88
N THR A 318 -13.75 11.04 27.75
CA THR A 318 -13.64 11.51 29.14
C THR A 318 -12.33 12.21 29.47
N THR A 319 -11.36 12.31 28.55
CA THR A 319 -10.06 12.82 28.87
C THR A 319 -9.89 14.25 28.38
N PRO A 320 -9.46 15.18 29.27
CA PRO A 320 -9.14 16.54 28.81
C PRO A 320 -8.22 16.49 27.59
N LEU A 321 -8.42 17.45 26.67
CA LEU A 321 -7.73 17.42 25.38
C LEU A 321 -6.21 17.22 25.49
N GLU A 322 -5.57 17.88 26.45
CA GLU A 322 -4.12 17.89 26.55
C GLU A 322 -3.51 16.53 26.88
N ASN A 323 -4.33 15.58 27.37
CA ASN A 323 -3.85 14.22 27.67
C ASN A 323 -4.63 13.15 26.92
N ASN A 324 -5.42 13.58 25.93
CA ASN A 324 -6.32 12.71 25.18
C ASN A 324 -5.57 12.18 23.94
N ILE A 325 -5.23 10.90 23.98
CA ILE A 325 -4.24 10.30 23.08
C ILE A 325 -4.64 10.45 21.61
N PRO A 326 -5.88 10.08 21.19
CA PRO A 326 -6.25 10.27 19.78
C PRO A 326 -6.29 11.74 19.38
N VAL A 327 -6.68 12.63 20.33
CA VAL A 327 -6.65 14.05 20.00
C VAL A 327 -5.23 14.51 19.73
N ILE A 328 -4.27 14.11 20.59
CA ILE A 328 -2.87 14.51 20.40
C ILE A 328 -2.38 14.07 19.00
N GLY A 329 -2.70 12.83 18.64
CA GLY A 329 -2.27 12.35 17.32
C GLY A 329 -2.88 13.19 16.20
N GLY A 330 -4.16 13.59 16.36
CA GLY A 330 -4.84 14.36 15.32
C GLY A 330 -4.31 15.79 15.25
N LEU A 331 -3.95 16.36 16.40
CA LEU A 331 -3.36 17.70 16.45
C LEU A 331 -2.02 17.69 15.73
N LEU A 332 -1.21 16.67 15.93
CA LEU A 332 0.10 16.58 15.27
C LEU A 332 -0.12 16.50 13.76
N SER A 333 -1.09 15.70 13.33
CA SER A 333 -1.40 15.59 11.90
C SER A 333 -1.73 16.93 11.27
N VAL A 334 -2.55 17.73 11.97
CA VAL A 334 -2.88 19.07 11.48
C VAL A 334 -1.60 19.89 11.40
N TRP A 335 -0.78 19.85 12.44
CA TRP A 335 0.47 20.62 12.47
C TRP A 335 1.31 20.32 11.23
N TYR A 336 1.47 19.02 10.90
CA TYR A 336 2.31 18.67 9.77
C TYR A 336 1.65 19.02 8.45
N ASN A 337 0.35 18.71 8.32
CA ASN A 337 -0.37 18.90 7.07
C ASN A 337 -0.50 20.36 6.70
N ASN A 338 -0.90 21.18 7.69
CA ASN A 338 -1.32 22.56 7.47
C ASN A 338 -0.21 23.59 7.70
N PHE A 339 0.81 23.26 8.49
CA PHE A 339 1.84 24.25 8.81
C PHE A 339 3.15 23.85 8.12
N PHE A 340 3.52 22.58 8.14
CA PHE A 340 4.72 22.14 7.42
C PHE A 340 4.41 21.84 5.94
N GLY A 341 3.14 21.59 5.59
CA GLY A 341 2.82 21.27 4.21
C GLY A 341 3.20 19.83 3.83
N ALA A 342 3.34 18.93 4.80
CA ALA A 342 3.61 17.52 4.52
C ALA A 342 2.31 16.90 4.05
N GLN A 343 2.27 16.28 2.87
CA GLN A 343 1.03 15.76 2.33
C GLN A 343 0.68 14.32 2.75
N THR A 344 1.63 13.60 3.35
CA THR A 344 1.48 12.20 3.61
C THR A 344 1.65 11.90 5.10
N HIS A 345 1.19 10.70 5.45
CA HIS A 345 1.31 10.14 6.77
C HIS A 345 1.61 8.65 6.58
N LEU A 346 2.72 8.19 7.15
CA LEU A 346 3.15 6.80 7.04
C LEU A 346 2.84 6.01 8.29
N VAL A 347 2.32 4.79 8.11
CA VAL A 347 2.07 3.89 9.22
C VAL A 347 2.78 2.57 8.94
N VAL A 348 3.63 2.17 9.87
CA VAL A 348 4.51 1.02 9.71
C VAL A 348 4.37 0.08 10.90
N PRO A 349 3.59 -1.01 10.75
CA PRO A 349 3.60 -2.02 11.81
C PRO A 349 4.83 -2.91 11.72
N PHE A 350 5.56 -3.04 12.83
CA PHE A 350 6.67 -3.95 12.98
C PHE A 350 6.04 -5.29 13.39
N ASP A 351 5.23 -5.84 12.47
CA ASP A 351 4.33 -6.93 12.77
C ASP A 351 3.74 -7.45 11.47
N GLN A 352 4.05 -8.70 11.13
CA GLN A 352 3.63 -9.26 9.87
C GLN A 352 2.13 -9.49 9.86
N TYR A 353 1.54 -9.91 11.00
CA TYR A 353 0.10 -10.11 11.00
C TYR A 353 -0.64 -8.82 10.62
N LEU A 354 -0.08 -7.68 10.99
CA LEU A 354 -0.71 -6.40 10.67
C LEU A 354 -0.35 -5.88 9.29
N HIS A 355 -0.02 -6.73 8.32
CA HIS A 355 0.40 -6.25 7.01
C HIS A 355 -0.68 -5.48 6.25
N ARG A 356 -1.98 -5.69 6.54
CA ARG A 356 -3.03 -4.96 5.84
C ARG A 356 -3.55 -3.81 6.71
N PHE A 357 -2.91 -3.57 7.85
CA PHE A 357 -3.32 -2.46 8.72
C PHE A 357 -3.14 -1.11 8.05
N PRO A 358 -2.01 -0.78 7.36
CA PRO A 358 -1.93 0.50 6.64
C PRO A 358 -3.02 0.69 5.58
N ALA A 359 -3.38 -0.36 4.85
CA ALA A 359 -4.39 -0.22 3.79
C ALA A 359 -5.76 0.06 4.40
N TYR A 360 -6.05 -0.57 5.54
CA TYR A 360 -7.30 -0.33 6.26
C TYR A 360 -7.36 1.12 6.70
N LEU A 361 -6.28 1.61 7.30
CA LEU A 361 -6.21 2.99 7.78
C LEU A 361 -6.27 3.95 6.59
N GLN A 362 -5.70 3.56 5.45
CA GLN A 362 -5.73 4.43 4.28
C GLN A 362 -7.18 4.68 3.87
N GLN A 363 -8.04 3.66 3.91
CA GLN A 363 -9.47 3.88 3.66
C GLN A 363 -10.08 4.77 4.74
N LEU A 364 -9.89 4.37 6.01
CA LEU A 364 -10.50 5.13 7.13
C LEU A 364 -10.18 6.63 7.01
N SER A 365 -8.89 6.91 6.85
CA SER A 365 -8.40 8.28 6.90
C SER A 365 -8.85 9.04 5.66
N MET A 366 -8.43 8.55 4.51
CA MET A 366 -8.56 9.34 3.29
C MET A 366 -10.04 9.48 2.88
N GLU A 367 -10.83 8.41 3.01
CA GLU A 367 -12.24 8.52 2.69
C GLU A 367 -12.97 9.44 3.66
N SER A 368 -12.55 9.44 4.94
CA SER A 368 -13.17 10.36 5.87
C SER A 368 -12.84 11.80 5.55
N ASN A 369 -11.57 12.09 5.34
CA ASN A 369 -11.09 13.47 5.44
C ASN A 369 -10.70 14.06 4.10
N GLY A 370 -10.91 13.35 2.99
CA GLY A 370 -10.67 13.90 1.65
C GLY A 370 -11.90 14.67 1.16
N LYS A 371 -12.03 15.89 1.67
CA LYS A 371 -13.18 16.76 1.49
C LYS A 371 -12.69 18.19 1.25
N SER A 372 -13.53 18.99 0.57
CA SER A 372 -13.17 20.37 0.26
C SER A 372 -14.18 21.40 0.75
N VAL A 373 -15.21 20.95 1.47
CA VAL A 373 -16.34 21.77 1.88
C VAL A 373 -16.58 21.58 3.38
N THR A 374 -16.78 22.70 4.06
CA THR A 374 -16.99 22.70 5.50
C THR A 374 -18.47 22.55 5.88
N ARG A 375 -18.70 22.37 7.19
CA ARG A 375 -20.03 22.32 7.81
C ARG A 375 -20.76 23.65 7.69
N ALA A 376 -20.06 24.72 7.35
CA ALA A 376 -20.72 25.98 6.99
C ALA A 376 -21.08 26.02 5.50
N ASN A 377 -20.79 24.95 4.72
CA ASN A 377 -21.19 24.76 3.33
C ASN A 377 -20.47 25.80 2.46
N VAL A 378 -19.20 26.07 2.80
CA VAL A 378 -18.30 26.87 1.99
C VAL A 378 -17.05 26.04 1.68
N PHE A 379 -16.35 26.40 0.61
CA PHE A 379 -15.13 25.71 0.27
C PHE A 379 -14.00 26.14 1.19
N THR A 380 -13.13 25.16 1.51
CA THR A 380 -11.93 25.43 2.29
C THR A 380 -10.93 26.27 1.53
N ASN A 381 -10.13 27.03 2.28
CA ASN A 381 -8.92 27.66 1.76
C ASN A 381 -7.67 27.17 2.49
N TYR A 382 -7.65 25.84 2.71
CA TYR A 382 -6.57 25.15 3.41
C TYR A 382 -6.68 23.68 3.09
N GLN A 383 -5.56 22.99 3.38
CA GLN A 383 -5.47 21.54 3.17
C GLN A 383 -6.34 20.80 4.15
N THR A 384 -6.93 19.72 3.63
CA THR A 384 -7.59 18.76 4.47
C THR A 384 -6.81 17.44 4.42
N GLY A 385 -7.51 16.32 4.32
CA GLY A 385 -6.94 15.01 4.54
C GLY A 385 -5.60 14.75 3.84
N THR A 386 -4.73 14.06 4.59
CA THR A 386 -3.43 13.57 4.14
C THR A 386 -3.59 12.26 3.38
N ILE A 387 -2.54 11.96 2.66
CA ILE A 387 -2.43 10.68 1.97
C ILE A 387 -1.74 9.73 2.95
N LEU A 388 -2.40 8.62 3.30
CA LEU A 388 -1.85 7.69 4.29
C LEU A 388 -1.38 6.48 3.53
N PHE A 389 -0.18 5.98 3.85
CA PHE A 389 0.37 4.81 3.19
C PHE A 389 1.23 4.02 4.16
N GLY A 390 1.61 2.77 3.78
CA GLY A 390 2.54 2.00 4.60
C GLY A 390 2.59 0.54 4.19
N GLU A 391 3.61 -0.11 4.74
CA GLU A 391 3.83 -1.54 4.62
C GLU A 391 4.46 -1.96 5.95
N PRO A 392 4.48 -3.26 6.27
CA PRO A 392 5.13 -3.67 7.51
C PRO A 392 6.62 -3.56 7.44
N ALA A 393 7.22 -3.38 8.64
CA ALA A 393 8.65 -3.55 8.84
C ALA A 393 8.86 -4.98 9.36
N THR A 394 10.05 -5.55 9.10
CA THR A 394 11.23 -4.84 8.62
C THR A 394 11.28 -4.63 7.10
N ASN A 395 10.40 -5.26 6.34
CA ASN A 395 10.47 -5.11 4.88
C ASN A 395 10.61 -3.65 4.42
N ALA A 396 9.77 -2.77 4.96
CA ALA A 396 9.76 -1.38 4.52
C ALA A 396 11.11 -0.71 4.67
N GLN A 397 11.94 -1.12 5.64
CA GLN A 397 13.30 -0.61 5.85
C GLN A 397 14.24 -0.82 4.66
N HIS A 398 13.98 -1.88 3.90
CA HIS A 398 14.81 -2.27 2.77
C HIS A 398 14.35 -1.59 1.49
N SER A 399 13.27 -0.79 1.57
CA SER A 399 12.67 -0.29 0.36
C SER A 399 12.47 1.20 0.46
N PHE A 400 11.22 1.58 0.75
CA PHE A 400 10.99 3.00 0.62
C PHE A 400 11.53 3.80 1.83
N PHE A 401 12.01 3.12 2.87
CA PHE A 401 12.64 3.84 3.94
C PHE A 401 13.84 4.63 3.45
N GLN A 402 14.45 4.25 2.31
CA GLN A 402 15.50 5.10 1.74
C GLN A 402 14.98 6.53 1.65
N LEU A 403 13.78 6.72 1.07
CA LEU A 403 13.29 8.08 0.88
C LEU A 403 12.86 8.74 2.19
N VAL A 404 12.28 7.97 3.11
CA VAL A 404 11.99 8.47 4.46
C VAL A 404 13.25 9.06 5.12
N HIS A 405 14.41 8.41 4.95
CA HIS A 405 15.64 8.85 5.59
C HIS A 405 16.36 9.98 4.82
N GLN A 406 16.43 9.91 3.48
CA GLN A 406 17.33 10.78 2.73
C GLN A 406 16.65 11.63 1.65
N GLY A 407 15.34 11.51 1.46
CA GLY A 407 14.62 12.30 0.50
C GLY A 407 14.38 13.73 0.97
N THR A 408 13.58 14.43 0.14
CA THR A 408 13.30 15.86 0.30
C THR A 408 11.92 16.15 0.88
N LYS A 409 11.18 15.11 1.30
CA LYS A 409 9.83 15.23 1.79
C LYS A 409 9.77 14.86 3.27
N LEU A 410 9.06 15.71 4.05
CA LEU A 410 8.75 15.38 5.43
C LEU A 410 7.59 14.36 5.42
N ILE A 411 7.82 13.21 6.05
CA ILE A 411 6.87 12.11 6.10
C ILE A 411 6.66 11.70 7.55
N PRO A 412 5.71 12.34 8.25
CA PRO A 412 5.42 11.90 9.63
C PRO A 412 5.06 10.43 9.64
N ALA A 413 5.58 9.68 10.61
CA ALA A 413 5.46 8.23 10.58
C ALA A 413 5.08 7.72 11.98
N ASP A 414 4.22 6.71 11.98
CA ASP A 414 3.84 5.98 13.15
C ASP A 414 4.39 4.56 13.04
N PHE A 415 5.20 4.18 14.02
CA PHE A 415 5.75 2.81 14.09
C PHE A 415 5.04 2.08 15.23
N ILE A 416 4.68 0.82 15.00
CA ILE A 416 3.91 0.07 15.99
C ILE A 416 4.61 -1.28 16.24
N LEU A 417 4.86 -1.63 17.51
CA LEU A 417 5.49 -2.91 17.86
C LEU A 417 4.74 -3.54 19.02
N ALA A 418 4.60 -4.87 19.03
CA ALA A 418 4.22 -5.59 20.23
C ALA A 418 5.48 -6.07 20.98
N ALA A 419 5.47 -5.95 22.32
CA ALA A 419 6.60 -6.47 23.12
C ALA A 419 6.67 -8.01 23.07
N GLN A 420 5.52 -8.67 22.96
CA GLN A 420 5.37 -10.11 22.97
C GLN A 420 4.79 -10.55 21.62
N SER A 421 5.43 -11.57 21.05
CA SER A 421 4.97 -12.19 19.82
C SER A 421 4.03 -13.34 20.08
N HIS A 422 3.08 -13.56 19.15
CA HIS A 422 2.29 -14.80 19.17
C HIS A 422 3.13 -16.02 18.74
N ASN A 423 4.27 -15.75 18.09
CA ASN A 423 5.10 -16.78 17.48
C ASN A 423 6.52 -16.57 17.97
N PRO A 424 6.80 -16.76 19.27
CA PRO A 424 8.12 -16.46 19.81
C PRO A 424 9.17 -17.54 19.57
N ILE A 425 9.35 -17.86 18.29
CA ILE A 425 10.23 -18.97 17.88
C ILE A 425 11.67 -18.73 18.35
N GLU A 426 12.40 -19.83 18.52
CA GLU A 426 13.82 -19.74 18.83
C GLU A 426 14.04 -18.88 20.07
N LYS A 427 13.21 -19.11 21.07
CA LYS A 427 13.32 -18.43 22.35
C LYS A 427 13.47 -16.93 22.13
N ASN A 428 12.56 -16.41 21.27
CA ASN A 428 12.42 -14.98 20.99
C ASN A 428 13.60 -14.38 20.24
N LEU A 429 14.41 -15.18 19.55
CA LEU A 429 15.49 -14.62 18.73
C LEU A 429 14.99 -13.65 17.66
N HIS A 430 13.99 -14.07 16.89
CA HIS A 430 13.47 -13.19 15.85
C HIS A 430 12.81 -11.95 16.46
N GLN A 431 12.12 -12.10 17.59
CA GLN A 431 11.37 -11.02 18.20
C GLN A 431 12.33 -9.94 18.69
N ARG A 432 13.46 -10.35 19.33
CA ARG A 432 14.41 -9.35 19.78
C ARG A 432 15.01 -8.63 18.57
N MET A 433 15.25 -9.35 17.48
CA MET A 433 15.79 -8.70 16.29
C MET A 433 14.75 -7.70 15.75
N LEU A 434 13.50 -8.13 15.62
CA LEU A 434 12.44 -7.21 15.18
C LEU A 434 12.38 -5.95 16.06
N ALA A 435 12.41 -6.14 17.39
CA ALA A 435 12.30 -5.01 18.30
C ALA A 435 13.47 -4.07 18.12
N SER A 436 14.70 -4.61 17.96
CA SER A 436 15.88 -3.78 17.85
C SER A 436 15.74 -2.84 16.66
N ASN A 437 15.14 -3.31 15.56
CA ASN A 437 14.89 -2.48 14.37
C ASN A 437 13.90 -1.36 14.68
N PHE A 438 12.81 -1.67 15.37
CA PHE A 438 11.84 -0.66 15.77
C PHE A 438 12.53 0.51 16.50
N PHE A 439 13.33 0.19 17.53
CA PHE A 439 13.97 1.24 18.30
C PHE A 439 14.96 1.99 17.42
N ALA A 440 15.79 1.27 16.68
CA ALA A 440 16.95 1.85 15.99
C ALA A 440 16.49 2.76 14.86
N GLN A 441 15.37 2.42 14.19
CA GLN A 441 14.92 3.20 13.05
C GLN A 441 14.40 4.57 13.47
N SER A 442 13.59 4.62 14.55
CA SER A 442 13.12 5.90 15.03
C SER A 442 14.26 6.72 15.62
N GLU A 443 15.23 6.07 16.29
CA GLU A 443 16.42 6.77 16.77
C GLU A 443 17.17 7.39 15.60
N ALA A 444 17.41 6.61 14.55
CA ALA A 444 18.19 7.14 13.41
C ALA A 444 17.48 8.31 12.71
N LEU A 445 16.15 8.23 12.59
CA LEU A 445 15.42 9.32 11.95
C LEU A 445 15.51 10.62 12.72
N MET A 446 15.63 10.50 14.04
CA MET A 446 15.80 11.67 14.88
CA MET A 446 15.79 11.69 14.87
C MET A 446 17.26 12.19 14.87
N VAL A 447 18.23 11.31 15.09
CA VAL A 447 19.62 11.75 15.33
C VAL A 447 20.36 12.10 14.03
N GLY A 448 20.07 11.40 12.98
CA GLY A 448 20.79 11.62 11.73
C GLY A 448 22.29 11.31 11.85
N LYS A 449 23.05 11.89 10.92
CA LYS A 449 24.48 11.60 10.79
C LYS A 449 25.05 12.77 10.01
N ASP A 450 25.83 13.59 10.70
CA ASP A 450 26.30 14.81 10.05
C ASP A 450 27.62 14.64 9.26
N GLU A 451 28.01 15.69 8.56
CA GLU A 451 29.18 15.71 7.67
C GLU A 451 30.43 15.24 8.42
N ALA A 452 30.59 15.71 9.67
CA ALA A 452 31.79 15.35 10.42
C ALA A 452 31.83 13.87 10.74
N LYS A 453 30.68 13.29 11.12
CA LYS A 453 30.61 11.85 11.38
C LYS A 453 30.86 11.03 10.13
N VAL A 454 30.33 11.49 8.98
CA VAL A 454 30.59 10.76 7.75
C VAL A 454 32.09 10.76 7.41
N LYS A 455 32.74 11.90 7.57
CA LYS A 455 34.17 11.99 7.37
C LYS A 455 34.91 11.04 8.32
N ALA A 456 34.52 11.09 9.60
CA ALA A 456 35.22 10.30 10.61
C ALA A 456 35.11 8.81 10.30
N GLU A 457 34.02 8.40 9.64
CA GLU A 457 33.75 7.02 9.28
C GLU A 457 34.55 6.62 8.04
N GLY A 458 35.18 7.56 7.34
CA GLY A 458 36.09 7.20 6.28
C GLY A 458 35.79 7.78 4.90
N ALA A 459 34.64 8.44 4.70
CA ALA A 459 34.34 8.99 3.39
C ALA A 459 35.14 10.27 3.16
N THR A 460 35.55 10.47 1.90
CA THR A 460 36.26 11.68 1.52
C THR A 460 35.67 12.25 0.25
N GLY A 461 35.96 13.53 0.11
CA GLY A 461 35.62 14.32 -1.06
C GLY A 461 34.13 14.18 -1.36
N GLY A 462 33.84 13.88 -2.63
CA GLY A 462 32.47 14.03 -3.05
C GLY A 462 31.52 13.00 -2.47
N LEU A 463 32.02 11.90 -1.93
CA LEU A 463 31.13 10.87 -1.42
C LEU A 463 30.39 11.38 -0.18
N VAL A 464 31.05 12.25 0.60
CA VAL A 464 30.59 12.61 1.94
C VAL A 464 29.10 12.99 1.97
N PRO A 465 28.58 13.96 1.18
CA PRO A 465 27.18 14.40 1.34
C PRO A 465 26.17 13.29 1.09
N HIS A 466 26.56 12.31 0.24
CA HIS A 466 25.64 11.25 -0.14
C HIS A 466 25.33 10.34 1.05
N LYS A 467 26.21 10.34 2.07
CA LYS A 467 26.08 9.48 3.22
C LYS A 467 25.60 10.20 4.47
N GLU A 468 25.25 11.49 4.36
CA GLU A 468 24.70 12.26 5.46
C GLU A 468 23.22 12.02 5.60
N PHE A 469 22.76 12.17 6.85
CA PHE A 469 21.34 12.07 7.19
C PHE A 469 20.97 13.29 8.05
N SER A 470 19.89 13.96 7.68
CA SER A 470 19.52 15.22 8.33
C SER A 470 19.16 15.02 9.79
N GLY A 471 18.55 13.87 10.07
CA GLY A 471 17.83 13.70 11.32
C GLY A 471 16.74 14.75 11.47
N ASN A 472 16.16 14.87 12.67
CA ASN A 472 14.97 15.66 12.91
C ASN A 472 13.80 15.24 12.00
N ARG A 473 13.77 13.93 11.67
CA ARG A 473 12.66 13.41 10.90
C ARG A 473 11.70 12.72 11.89
N PRO A 474 10.44 13.18 12.00
CA PRO A 474 9.63 12.81 13.18
C PRO A 474 9.01 11.42 13.06
N THR A 475 8.87 10.79 14.22
CA THR A 475 8.11 9.56 14.36
C THR A 475 7.26 9.61 15.62
N THR A 476 6.23 8.78 15.62
CA THR A 476 5.46 8.43 16.79
C THR A 476 5.68 6.94 16.98
N SER A 477 6.03 6.50 18.21
CA SER A 477 6.21 5.07 18.47
C SER A 477 5.06 4.61 19.38
N ILE A 478 4.45 3.49 19.01
CA ILE A 478 3.33 2.89 19.71
C ILE A 478 3.80 1.48 20.07
N LEU A 479 3.98 1.25 21.37
CA LEU A 479 4.45 -0.03 21.89
C LEU A 479 3.33 -0.68 22.67
N ALA A 480 2.82 -1.81 22.19
CA ALA A 480 1.83 -2.59 22.90
C ALA A 480 2.54 -3.70 23.67
N GLN A 481 1.84 -4.27 24.63
CA GLN A 481 2.32 -5.49 25.27
C GLN A 481 2.24 -6.66 24.30
N LYS A 482 1.10 -6.79 23.63
CA LYS A 482 0.78 -7.91 22.77
C LYS A 482 -0.39 -7.50 21.89
N ILE A 483 -0.36 -7.86 20.61
CA ILE A 483 -1.49 -7.53 19.73
C ILE A 483 -2.57 -8.61 19.84
N THR A 484 -3.29 -8.47 20.93
CA THR A 484 -4.46 -9.28 21.24
C THR A 484 -5.68 -8.69 20.54
N PRO A 485 -6.84 -9.37 20.53
CA PRO A 485 -8.07 -8.74 20.01
C PRO A 485 -8.39 -7.37 20.66
N ALA A 486 -8.24 -7.29 21.99
CA ALA A 486 -8.50 -6.07 22.75
C ALA A 486 -7.55 -4.98 22.29
N THR A 487 -6.27 -5.30 22.12
CA THR A 487 -5.30 -4.29 21.72
C THR A 487 -5.65 -3.77 20.32
N LEU A 488 -5.96 -4.68 19.42
CA LEU A 488 -6.28 -4.25 18.06
C LEU A 488 -7.53 -3.36 18.07
N GLY A 489 -8.53 -3.73 18.87
CA GLY A 489 -9.74 -2.90 18.98
C GLY A 489 -9.34 -1.48 19.37
N SER A 490 -8.53 -1.35 20.43
CA SER A 490 -8.12 -0.04 20.88
C SER A 490 -7.34 0.72 19.82
N LEU A 491 -6.46 0.02 19.07
CA LEU A 491 -5.61 0.67 18.06
C LEU A 491 -6.47 1.22 16.92
N ILE A 492 -7.45 0.44 16.45
CA ILE A 492 -8.32 0.95 15.38
C ILE A 492 -9.10 2.16 15.90
N ALA A 493 -9.65 2.06 17.11
CA ALA A 493 -10.44 3.17 17.64
C ALA A 493 -9.56 4.41 17.81
N TYR A 494 -8.28 4.25 18.20
CA TYR A 494 -7.36 5.38 18.24
C TYR A 494 -7.34 6.09 16.90
N TYR A 495 -7.15 5.34 15.80
CA TYR A 495 -7.16 5.99 14.50
C TYR A 495 -8.53 6.53 14.11
N GLU A 496 -9.62 5.89 14.49
CA GLU A 496 -10.95 6.46 14.24
C GLU A 496 -11.06 7.84 14.88
N HIS A 497 -10.64 7.97 16.13
CA HIS A 497 -10.80 9.21 16.85
C HIS A 497 -9.74 10.23 16.46
N LEU A 498 -8.57 9.83 16.03
CA LEU A 498 -7.59 10.74 15.46
C LEU A 498 -8.22 11.37 14.21
N THR A 499 -8.78 10.51 13.35
CA THR A 499 -9.46 10.94 12.13
C THR A 499 -10.59 11.95 12.43
N PHE A 500 -11.36 11.65 13.49
CA PHE A 500 -12.43 12.50 14.00
C PHE A 500 -11.89 13.90 14.32
N THR A 501 -10.77 13.91 15.09
CA THR A 501 -10.18 15.14 15.54
C THR A 501 -9.76 16.02 14.35
N GLU A 502 -9.02 15.39 13.41
CA GLU A 502 -8.59 16.13 12.21
C GLU A 502 -9.80 16.79 11.55
N GLY A 503 -10.83 16.01 11.26
CA GLY A 503 -12.00 16.53 10.57
C GLY A 503 -12.71 17.64 11.32
N ALA A 504 -12.69 17.54 12.67
CA ALA A 504 -13.35 18.51 13.51
C ALA A 504 -12.62 19.85 13.38
N ILE A 505 -11.28 19.81 13.43
CA ILE A 505 -10.49 21.02 13.25
C ILE A 505 -10.74 21.64 11.87
N TRP A 506 -10.71 20.81 10.83
CA TRP A 506 -10.91 21.34 9.48
C TRP A 506 -12.35 21.75 9.21
N ASN A 507 -13.28 21.38 10.10
CA ASN A 507 -14.69 21.71 9.97
C ASN A 507 -15.32 20.99 8.78
N ILE A 508 -14.86 19.79 8.46
CA ILE A 508 -15.43 18.98 7.38
C ILE A 508 -16.34 17.92 7.97
N ASN A 509 -17.13 17.31 7.09
CA ASN A 509 -17.95 16.14 7.46
C ASN A 509 -17.11 14.89 7.19
N SER A 510 -16.56 14.30 8.24
CA SER A 510 -15.71 13.12 8.11
C SER A 510 -16.52 11.88 7.72
N PHE A 511 -17.86 11.98 7.57
CA PHE A 511 -18.70 10.79 7.62
C PHE A 511 -19.51 10.52 6.35
N ASP A 512 -19.44 11.39 5.34
CA ASP A 512 -20.01 11.17 4.01
C ASP A 512 -18.90 10.74 3.05
N GLN A 513 -19.27 10.47 1.78
CA GLN A 513 -18.27 10.06 0.79
C GLN A 513 -18.86 10.23 -0.59
N TRP A 514 -19.17 11.48 -0.97
CA TRP A 514 -19.86 11.68 -2.23
C TRP A 514 -19.06 11.23 -3.45
N GLY A 515 -17.71 11.17 -3.38
CA GLY A 515 -16.93 10.62 -4.50
C GLY A 515 -17.06 9.11 -4.64
N VAL A 516 -17.18 8.42 -3.51
CA VAL A 516 -17.45 6.99 -3.53
C VAL A 516 -18.88 6.76 -4.03
N GLU A 517 -19.86 7.57 -3.62
CA GLU A 517 -21.24 7.41 -4.07
C GLU A 517 -21.29 7.67 -5.57
N LEU A 518 -20.56 8.69 -6.09
CA LEU A 518 -20.54 8.94 -7.50
C LEU A 518 -19.99 7.75 -8.25
N GLY A 519 -18.89 7.18 -7.74
CA GLY A 519 -18.28 6.08 -8.45
C GLY A 519 -19.25 4.94 -8.66
N LYS A 520 -20.18 4.70 -7.71
CA LYS A 520 -21.13 3.61 -7.80
C LYS A 520 -22.22 3.84 -8.86
N VAL A 521 -22.33 5.03 -9.40
CA VAL A 521 -23.26 5.30 -10.50
C VAL A 521 -22.59 5.65 -11.83
N LEU A 522 -21.28 5.79 -11.91
CA LEU A 522 -20.62 6.22 -13.15
C LEU A 522 -20.55 5.18 -14.27
N ALA A 523 -20.38 3.91 -13.93
CA ALA A 523 -19.92 2.92 -14.88
C ALA A 523 -21.03 2.41 -15.78
N LYS A 524 -22.29 2.44 -15.32
CA LYS A 524 -23.37 1.79 -16.05
C LYS A 524 -23.57 2.39 -17.43
N VAL A 525 -23.41 3.72 -17.57
CA VAL A 525 -23.57 4.37 -18.85
C VAL A 525 -22.60 3.80 -19.87
N ILE A 526 -21.33 3.58 -19.47
CA ILE A 526 -20.37 3.05 -20.39
C ILE A 526 -20.56 1.53 -20.53
N GLY A 527 -20.95 0.86 -19.45
CA GLY A 527 -21.23 -0.56 -19.56
C GLY A 527 -22.21 -0.86 -20.69
N LYS A 528 -23.25 -0.03 -20.80
CA LYS A 528 -24.22 -0.22 -21.89
C LYS A 528 -23.55 -0.03 -23.27
N GLU A 529 -22.57 0.86 -23.40
CA GLU A 529 -21.83 1.02 -24.65
C GLU A 529 -20.90 -0.16 -24.98
N LEU A 530 -20.50 -0.95 -23.98
CA LEU A 530 -19.64 -2.11 -24.23
C LEU A 530 -20.44 -3.36 -24.60
N ASP A 531 -21.77 -3.26 -24.73
CA ASP A 531 -22.52 -4.43 -25.22
C ASP A 531 -22.33 -4.68 -26.73
N ASP A 532 -21.72 -3.79 -27.50
CA ASP A 532 -21.37 -4.11 -28.88
C ASP A 532 -19.96 -3.60 -29.22
N LYS A 533 -19.54 -3.77 -30.47
CA LYS A 533 -18.20 -3.38 -30.88
C LYS A 533 -18.24 -2.15 -31.81
N LYS A 534 -19.38 -1.44 -31.83
CA LYS A 534 -19.53 -0.23 -32.60
C LYS A 534 -18.73 0.89 -31.92
N ALA A 535 -18.00 1.66 -32.71
CA ALA A 535 -17.23 2.77 -32.18
C ALA A 535 -18.18 3.77 -31.54
N VAL A 536 -17.67 4.46 -30.51
CA VAL A 536 -18.44 5.43 -29.76
C VAL A 536 -17.84 6.81 -29.97
N ALA A 537 -18.70 7.83 -29.89
CA ALA A 537 -18.24 9.21 -29.93
C ALA A 537 -19.03 10.08 -28.96
N THR A 538 -19.52 9.48 -27.89
CA THR A 538 -20.43 10.11 -26.94
C THR A 538 -19.72 10.84 -25.78
N HIS A 539 -18.39 10.70 -25.71
CA HIS A 539 -17.59 11.31 -24.66
C HIS A 539 -16.53 12.24 -25.22
N ASP A 540 -15.66 12.74 -24.32
CA ASP A 540 -14.44 13.41 -24.72
C ASP A 540 -13.58 12.48 -25.58
N ALA A 541 -12.63 13.03 -26.31
CA ALA A 541 -11.86 12.28 -27.30
C ALA A 541 -10.96 11.20 -26.66
N SER A 542 -10.49 11.44 -25.41
CA SER A 542 -9.70 10.41 -24.70
C SER A 542 -10.57 9.21 -24.36
N THR A 543 -11.66 9.47 -23.65
CA THR A 543 -12.57 8.39 -23.26
C THR A 543 -13.04 7.62 -24.50
N ASN A 544 -13.40 8.34 -25.57
CA ASN A 544 -13.78 7.70 -26.81
C ASN A 544 -12.64 6.84 -27.38
N GLY A 545 -11.42 7.40 -27.41
CA GLY A 545 -10.25 6.69 -27.93
C GLY A 545 -9.97 5.39 -27.17
N LEU A 546 -10.06 5.48 -25.84
CA LEU A 546 -9.81 4.32 -24.99
C LEU A 546 -10.87 3.25 -25.16
N ILE A 547 -12.16 3.64 -25.19
CA ILE A 547 -13.25 2.69 -25.40
C ILE A 547 -13.09 2.00 -26.76
N ASN A 548 -12.79 2.79 -27.75
CA ASN A 548 -12.70 2.28 -29.13
C ASN A 548 -11.50 1.36 -29.32
N GLN A 549 -10.38 1.70 -28.67
CA GLN A 549 -9.23 0.80 -28.71
C GLN A 549 -9.55 -0.49 -27.98
N PHE A 550 -10.20 -0.41 -26.82
CA PHE A 550 -10.66 -1.60 -26.12
C PHE A 550 -11.58 -2.47 -26.98
N LYS A 551 -12.51 -1.85 -27.72
CA LYS A 551 -13.41 -2.64 -28.55
C LYS A 551 -12.61 -3.42 -29.59
N GLU A 552 -11.54 -2.84 -30.14
CA GLU A 552 -10.70 -3.49 -31.13
C GLU A 552 -9.96 -4.66 -30.51
N TRP A 553 -9.59 -4.55 -29.21
CA TRP A 553 -8.69 -5.51 -28.60
C TRP A 553 -9.37 -6.55 -27.73
N GLU A 554 -10.65 -6.35 -27.42
CA GLU A 554 -11.33 -7.24 -26.50
C GLU A 554 -11.62 -8.57 -27.20
N GLU A 555 -11.92 -9.60 -26.40
CA GLU A 555 -12.30 -10.90 -26.97
C GLU A 555 -13.47 -10.72 -27.95
N MET B 6 31.73 12.21 -14.03
CA MET B 6 31.33 13.52 -13.43
CA MET B 6 31.47 13.61 -13.55
C MET B 6 30.28 14.19 -14.31
N ALA B 7 29.56 15.08 -13.63
CA ALA B 7 28.30 15.57 -14.15
C ALA B 7 28.54 16.76 -15.05
N SER B 8 27.63 16.98 -16.00
CA SER B 8 27.68 18.15 -16.90
C SER B 8 27.01 19.38 -16.32
N PHE B 9 26.24 19.25 -15.23
CA PHE B 9 25.60 20.36 -14.57
C PHE B 9 25.53 19.97 -13.09
N LYS B 10 25.28 20.91 -12.22
CA LYS B 10 25.30 20.65 -10.79
C LYS B 10 23.90 20.42 -10.23
N LEU B 11 22.98 21.33 -10.53
CA LEU B 11 21.64 21.38 -9.94
C LEU B 11 20.60 21.57 -11.04
N ALA B 12 19.44 20.89 -10.95
CA ALA B 12 18.35 21.11 -11.90
C ALA B 12 17.98 22.60 -12.01
N THR B 13 18.05 23.29 -10.88
CA THR B 13 17.73 24.71 -10.85
C THR B 13 18.73 25.55 -11.67
N ASP B 14 19.89 25.01 -12.05
CA ASP B 14 20.87 25.73 -12.87
C ASP B 14 20.48 25.66 -14.35
N LEU B 15 19.54 24.78 -14.74
CA LEU B 15 19.21 24.63 -16.14
C LEU B 15 18.24 25.70 -16.59
N PRO B 16 18.50 26.42 -17.72
CA PRO B 16 17.64 27.51 -18.15
C PRO B 16 16.18 27.16 -18.34
N GLU B 17 15.91 25.91 -18.75
CA GLU B 17 14.52 25.59 -19.03
C GLU B 17 13.75 25.42 -17.72
N TRP B 18 14.45 25.12 -16.60
CA TRP B 18 13.75 24.98 -15.31
C TRP B 18 13.07 26.28 -14.93
N LYS B 19 13.74 27.44 -15.08
CA LYS B 19 13.12 28.72 -14.81
C LYS B 19 12.01 29.07 -15.80
N LYS B 20 12.18 28.69 -17.08
CA LYS B 20 11.12 28.88 -18.07
C LYS B 20 9.88 28.09 -17.72
N LEU B 21 10.06 26.84 -17.23
CA LEU B 21 8.90 26.09 -16.80
C LEU B 21 8.20 26.71 -15.58
N GLU B 22 8.96 27.37 -14.70
CA GLU B 22 8.35 28.05 -13.57
C GLU B 22 7.42 29.15 -14.11
N GLU B 23 7.85 29.86 -15.17
CA GLU B 23 6.99 30.88 -15.74
C GLU B 23 5.80 30.29 -16.49
N THR B 24 6.02 29.17 -17.20
CA THR B 24 4.93 28.52 -17.87
C THR B 24 3.91 27.99 -16.86
N TYR B 25 4.38 27.46 -15.73
CA TYR B 25 3.49 27.04 -14.66
C TYR B 25 2.55 28.18 -14.24
N LYS B 26 3.09 29.37 -13.98
CA LYS B 26 2.23 30.47 -13.61
C LYS B 26 1.28 30.91 -14.72
N SER B 27 1.71 30.93 -15.96
CA SER B 27 0.85 31.49 -17.00
C SER B 27 -0.20 30.50 -17.52
N VAL B 28 0.12 29.21 -17.59
CA VAL B 28 -0.72 28.22 -18.25
C VAL B 28 -1.00 26.98 -17.37
N GLY B 29 -0.01 26.54 -16.58
CA GLY B 29 -0.18 25.28 -15.88
C GLY B 29 -1.13 25.32 -14.69
N GLU B 30 -0.92 26.31 -13.82
CA GLU B 30 -1.56 26.33 -12.52
C GLU B 30 -3.07 26.22 -12.71
N LYS B 31 -3.59 26.96 -13.69
CA LYS B 31 -5.03 26.99 -13.92
C LYS B 31 -5.45 26.14 -15.12
N PHE B 32 -4.67 25.11 -15.44
CA PHE B 32 -4.87 24.38 -16.69
C PHE B 32 -6.24 23.71 -16.70
N SER B 33 -7.01 23.93 -17.78
CA SER B 33 -8.26 23.27 -17.99
C SER B 33 -8.11 22.19 -19.05
N VAL B 34 -8.25 20.93 -18.62
CA VAL B 34 -8.22 19.84 -19.57
C VAL B 34 -9.46 19.81 -20.46
N ARG B 35 -10.62 20.18 -19.86
CA ARG B 35 -11.83 20.31 -20.66
C ARG B 35 -11.62 21.33 -21.80
N ASP B 36 -11.04 22.49 -21.49
CA ASP B 36 -10.80 23.47 -22.52
C ASP B 36 -9.76 23.00 -23.55
N ALA B 37 -8.77 22.23 -23.11
CA ALA B 37 -7.74 21.70 -24.02
C ALA B 37 -8.36 20.78 -25.08
N PHE B 38 -9.32 19.90 -24.69
CA PHE B 38 -9.96 19.03 -25.66
C PHE B 38 -10.84 19.87 -26.59
N ALA B 39 -11.47 20.93 -26.03
CA ALA B 39 -12.33 21.76 -26.86
C ALA B 39 -11.51 22.52 -27.90
N LYS B 40 -10.28 22.89 -27.58
CA LYS B 40 -9.44 23.67 -28.46
C LYS B 40 -8.81 22.81 -29.55
N ASP B 41 -8.54 21.52 -29.25
CA ASP B 41 -7.65 20.69 -30.05
C ASP B 41 -8.38 19.39 -30.35
N PRO B 42 -9.00 19.27 -31.55
CA PRO B 42 -9.68 18.04 -31.94
C PRO B 42 -8.75 16.82 -32.05
N LYS B 43 -7.45 17.04 -32.21
CA LYS B 43 -6.55 15.92 -32.35
C LYS B 43 -5.86 15.60 -31.01
N ARG B 44 -6.35 16.12 -29.89
CA ARG B 44 -5.60 15.97 -28.63
C ARG B 44 -5.32 14.51 -28.25
N PHE B 45 -6.30 13.62 -28.37
CA PHE B 45 -6.07 12.23 -28.01
C PHE B 45 -4.93 11.68 -28.84
N GLU B 46 -4.96 11.94 -30.16
CA GLU B 46 -3.90 11.42 -31.01
C GLU B 46 -2.54 12.02 -30.66
N GLU B 47 -2.49 13.30 -30.31
CA GLU B 47 -1.23 14.00 -30.05
C GLU B 47 -0.61 13.56 -28.72
N PHE B 48 -1.41 13.14 -27.74
CA PHE B 48 -0.87 12.83 -26.40
C PHE B 48 -1.10 11.37 -26.01
N SER B 49 -1.25 10.49 -27.00
CA SER B 49 -1.26 9.06 -26.78
C SER B 49 -0.27 8.41 -27.76
N TRP B 50 0.32 7.30 -27.31
CA TRP B 50 1.30 6.54 -28.08
C TRP B 50 0.99 5.07 -27.95
N ILE B 51 1.09 4.33 -29.06
CA ILE B 51 1.02 2.87 -29.07
C ILE B 51 2.44 2.30 -29.04
N TYR B 52 2.71 1.47 -28.02
CA TYR B 52 3.93 0.70 -27.90
C TYR B 52 3.68 -0.67 -28.51
N LYS B 53 4.60 -1.11 -29.40
CA LYS B 53 4.52 -2.44 -29.96
C LYS B 53 5.64 -3.31 -29.38
N ASN B 54 5.24 -4.43 -28.76
CA ASN B 54 6.16 -5.33 -28.11
C ASN B 54 6.83 -6.23 -29.12
N TYR B 55 7.82 -7.03 -28.65
CA TYR B 55 8.62 -7.87 -29.56
C TYR B 55 7.72 -8.92 -30.22
N ASP B 56 6.59 -9.26 -29.59
CA ASP B 56 5.71 -10.33 -30.03
C ASP B 56 4.53 -9.79 -30.85
N ASP B 57 4.57 -8.50 -31.22
CA ASP B 57 3.57 -7.77 -31.97
C ASP B 57 2.31 -7.47 -31.17
N SER B 58 2.30 -7.77 -29.86
CA SER B 58 1.25 -7.27 -28.99
C SER B 58 1.50 -5.78 -28.72
N LYS B 59 0.48 -5.14 -28.16
CA LYS B 59 0.46 -3.68 -28.09
C LYS B 59 0.00 -3.21 -26.70
N ILE B 60 0.47 -1.99 -26.38
CA ILE B 60 0.02 -1.27 -25.19
C ILE B 60 -0.19 0.18 -25.59
N LEU B 61 -1.38 0.71 -25.29
CA LEU B 61 -1.70 2.12 -25.52
C LEU B 61 -1.40 2.91 -24.24
N PHE B 62 -0.55 3.94 -24.38
CA PHE B 62 -0.25 4.85 -23.28
C PHE B 62 -0.91 6.20 -23.63
N ASP B 63 -2.00 6.51 -22.91
CA ASP B 63 -2.79 7.73 -23.15
C ASP B 63 -2.53 8.75 -22.04
N PHE B 64 -1.78 9.79 -22.36
CA PHE B 64 -1.43 10.84 -21.43
C PHE B 64 -2.34 12.07 -21.62
N SER B 65 -3.39 11.97 -22.43
CA SER B 65 -4.13 13.18 -22.85
C SER B 65 -5.02 13.82 -21.76
N LYS B 66 -5.32 13.13 -20.65
CA LYS B 66 -6.06 13.75 -19.56
C LYS B 66 -5.10 14.40 -18.56
N ASN B 67 -3.79 14.51 -18.85
CA ASN B 67 -2.88 15.23 -17.98
C ASN B 67 -2.97 16.73 -18.19
N LEU B 68 -2.34 17.47 -17.27
CA LEU B 68 -2.29 18.94 -17.33
C LEU B 68 -1.10 19.37 -18.19
N VAL B 69 -1.20 19.11 -19.50
CA VAL B 69 -0.09 19.24 -20.42
C VAL B 69 -0.68 19.65 -21.77
N ASN B 70 0.05 20.41 -22.52
CA ASN B 70 -0.25 20.71 -23.91
C ASN B 70 1.08 20.76 -24.68
N LYS B 71 1.01 21.11 -25.97
CA LYS B 71 2.21 21.13 -26.81
C LYS B 71 3.32 22.01 -26.22
N GLU B 72 2.99 23.24 -25.83
CA GLU B 72 3.98 24.14 -25.26
C GLU B 72 4.66 23.53 -24.04
N ILE B 73 3.88 23.00 -23.09
CA ILE B 73 4.44 22.44 -21.87
C ILE B 73 5.34 21.25 -22.19
N LEU B 74 4.83 20.29 -22.98
CA LEU B 74 5.60 19.10 -23.30
C LEU B 74 6.88 19.45 -24.07
N ASP B 75 6.84 20.42 -24.96
CA ASP B 75 8.04 20.86 -25.67
C ASP B 75 9.08 21.43 -24.69
N GLN B 76 8.63 22.17 -23.66
CA GLN B 76 9.56 22.71 -22.68
C GLN B 76 10.17 21.60 -21.81
N LEU B 77 9.36 20.60 -21.44
CA LEU B 77 9.85 19.52 -20.63
C LEU B 77 10.85 18.69 -21.43
N VAL B 78 10.61 18.50 -22.73
CA VAL B 78 11.57 17.81 -23.56
C VAL B 78 12.89 18.59 -23.63
N THR B 79 12.82 19.93 -23.78
CA THR B 79 14.00 20.78 -23.74
C THR B 79 14.78 20.63 -22.43
N LEU B 80 14.05 20.56 -21.33
CA LEU B 80 14.65 20.33 -20.04
C LEU B 80 15.40 18.99 -20.00
N ALA B 81 14.81 17.92 -20.56
CA ALA B 81 15.48 16.62 -20.64
C ALA B 81 16.79 16.73 -21.45
N LYS B 82 16.76 17.50 -22.55
CA LYS B 82 17.98 17.70 -23.32
C LYS B 82 19.05 18.42 -22.51
N GLU B 83 18.66 19.47 -21.78
CA GLU B 83 19.60 20.24 -20.98
C GLU B 83 20.23 19.41 -19.87
N ALA B 84 19.43 18.50 -19.33
CA ALA B 84 19.83 17.65 -18.23
C ALA B 84 20.67 16.46 -18.72
N GLY B 85 20.76 16.26 -20.02
CA GLY B 85 21.55 15.14 -20.54
C GLY B 85 21.00 13.78 -20.18
N VAL B 86 19.66 13.65 -20.18
CA VAL B 86 19.01 12.36 -20.06
C VAL B 86 19.58 11.36 -21.04
N GLU B 87 19.70 11.75 -22.32
CA GLU B 87 20.19 10.81 -23.32
C GLU B 87 21.64 10.38 -23.08
N LYS B 88 22.54 11.31 -22.71
CA LYS B 88 23.92 11.00 -22.38
C LYS B 88 24.01 9.97 -21.23
N LEU B 89 23.23 10.20 -20.17
CA LEU B 89 23.30 9.31 -19.03
C LEU B 89 22.74 7.94 -19.39
N ARG B 90 21.66 7.92 -20.17
CA ARG B 90 21.06 6.68 -20.60
C ARG B 90 22.11 5.89 -21.41
N ASP B 91 22.75 6.57 -22.37
CA ASP B 91 23.69 5.90 -23.22
C ASP B 91 24.84 5.32 -22.40
N ALA B 92 25.29 6.06 -21.37
CA ALA B 92 26.32 5.58 -20.46
C ALA B 92 25.88 4.34 -19.69
N MET B 93 24.60 4.34 -19.24
CA MET B 93 24.03 3.17 -18.61
C MET B 93 24.17 1.95 -19.51
N PHE B 94 23.73 2.10 -20.77
CA PHE B 94 23.72 0.97 -21.67
C PHE B 94 25.13 0.58 -22.12
N ALA B 95 26.07 1.50 -21.98
CA ALA B 95 27.48 1.24 -22.33
C ALA B 95 28.23 0.49 -21.24
N GLY B 96 27.61 0.34 -20.04
CA GLY B 96 28.27 -0.34 -18.93
C GLY B 96 29.14 0.58 -18.10
N ASP B 97 29.03 1.90 -18.29
CA ASP B 97 29.81 2.82 -17.52
C ASP B 97 29.35 2.79 -16.06
N HIS B 98 30.25 3.16 -15.18
CA HIS B 98 30.00 3.10 -13.75
C HIS B 98 29.16 4.30 -13.27
N ILE B 99 27.92 4.39 -13.72
CA ILE B 99 27.08 5.56 -13.43
C ILE B 99 26.52 5.54 -12.01
N ASN B 100 26.66 4.43 -11.30
CA ASN B 100 26.43 4.43 -9.87
C ASN B 100 27.70 4.93 -9.23
N THR B 101 27.84 6.26 -9.09
CA THR B 101 29.13 6.87 -8.83
C THR B 101 29.54 6.67 -7.38
N THR B 102 28.59 6.57 -6.45
CA THR B 102 28.92 6.52 -5.03
C THR B 102 29.38 5.14 -4.59
N GLU B 103 28.94 4.08 -5.30
CA GLU B 103 29.43 2.72 -5.09
C GLU B 103 30.46 2.29 -6.13
N ASP B 104 30.66 3.13 -7.15
CA ASP B 104 31.55 2.89 -8.27
C ASP B 104 31.20 1.57 -8.91
N ARG B 105 29.96 1.54 -9.41
CA ARG B 105 29.39 0.36 -10.04
C ARG B 105 28.69 0.73 -11.35
N ALA B 106 28.75 -0.23 -12.29
CA ALA B 106 27.87 -0.20 -13.45
C ALA B 106 26.42 -0.39 -12.97
N VAL B 107 25.47 -0.07 -13.86
CA VAL B 107 24.05 -0.15 -13.61
C VAL B 107 23.49 -0.95 -14.77
N TYR B 108 23.36 -2.28 -14.62
CA TYR B 108 23.25 -3.08 -15.84
C TYR B 108 22.16 -4.13 -15.73
N HIS B 109 21.03 -3.77 -15.10
CA HIS B 109 19.84 -4.59 -15.22
C HIS B 109 19.46 -4.76 -16.70
N VAL B 110 19.74 -3.79 -17.56
CA VAL B 110 19.37 -3.96 -18.98
C VAL B 110 20.12 -5.15 -19.59
N ALA B 111 21.30 -5.50 -19.08
CA ALA B 111 22.06 -6.63 -19.57
C ALA B 111 21.45 -7.96 -19.19
N LEU B 112 20.62 -8.00 -18.12
CA LEU B 112 20.06 -9.26 -17.64
C LEU B 112 19.05 -9.81 -18.66
N ARG B 113 18.38 -8.94 -19.42
CA ARG B 113 17.33 -9.30 -20.37
C ARG B 113 17.80 -9.16 -21.83
N ASN B 114 19.12 -9.21 -22.02
CA ASN B 114 19.79 -9.16 -23.33
C ASN B 114 19.69 -10.53 -24.04
N ARG B 115 18.48 -10.95 -24.33
CA ARG B 115 18.23 -12.23 -24.99
C ARG B 115 18.71 -12.22 -26.44
N ALA B 116 18.85 -11.00 -27.01
CA ALA B 116 19.39 -10.92 -28.38
C ALA B 116 20.90 -11.20 -28.39
N LEU B 117 21.57 -11.19 -27.23
CA LEU B 117 23.00 -11.40 -27.12
C LEU B 117 23.76 -10.27 -27.82
N ARG B 118 23.30 -9.03 -27.64
CA ARG B 118 24.11 -7.90 -28.07
C ARG B 118 25.36 -7.83 -27.21
N LYS B 119 26.41 -7.17 -27.72
CA LYS B 119 27.58 -6.89 -26.92
C LYS B 119 27.24 -5.82 -25.89
N MET B 120 27.35 -6.20 -24.62
CA MET B 120 26.99 -5.35 -23.50
C MET B 120 28.06 -5.49 -22.42
N PRO B 121 29.13 -4.67 -22.53
CA PRO B 121 30.32 -4.89 -21.70
C PRO B 121 30.36 -4.08 -20.42
N VAL B 122 30.91 -4.70 -19.39
CA VAL B 122 31.28 -4.02 -18.16
C VAL B 122 32.79 -4.14 -18.03
N ASP B 123 33.46 -3.03 -17.74
CA ASP B 123 34.93 -3.05 -17.65
C ASP B 123 35.54 -3.62 -18.94
N GLY B 124 34.89 -3.35 -20.06
CA GLY B 124 35.41 -3.69 -21.38
C GLY B 124 35.24 -5.15 -21.77
N LYS B 125 34.50 -5.90 -20.94
CA LYS B 125 34.30 -7.33 -21.16
C LYS B 125 32.80 -7.63 -21.31
N ASP B 126 32.44 -8.21 -22.44
CA ASP B 126 31.02 -8.50 -22.69
C ASP B 126 30.46 -9.37 -21.58
N THR B 127 29.21 -9.06 -21.21
CA THR B 127 28.44 -9.79 -20.20
C THR B 127 27.45 -10.78 -20.81
N ALA B 128 27.22 -10.77 -22.14
CA ALA B 128 26.15 -11.54 -22.70
C ALA B 128 26.21 -13.03 -22.34
N GLN B 129 27.36 -13.68 -22.49
CA GLN B 129 27.40 -15.10 -22.24
C GLN B 129 27.36 -15.43 -20.75
N GLU B 130 27.93 -14.59 -19.88
CA GLU B 130 27.86 -14.86 -18.45
C GLU B 130 26.40 -14.79 -17.94
N VAL B 131 25.63 -13.83 -18.47
CA VAL B 131 24.22 -13.66 -18.10
C VAL B 131 23.48 -14.88 -18.62
N ASP B 132 23.70 -15.17 -19.91
CA ASP B 132 23.01 -16.29 -20.53
C ASP B 132 23.32 -17.61 -19.84
N ASP B 133 24.56 -17.82 -19.38
CA ASP B 133 24.87 -19.10 -18.75
C ASP B 133 24.03 -19.28 -17.48
N VAL B 134 23.82 -18.21 -16.73
CA VAL B 134 22.98 -18.34 -15.52
C VAL B 134 21.55 -18.70 -15.92
N LEU B 135 21.04 -18.10 -16.99
CA LEU B 135 19.70 -18.40 -17.49
C LEU B 135 19.64 -19.86 -17.92
N LYS B 136 20.69 -20.39 -18.54
CA LYS B 136 20.71 -21.81 -18.89
CA LYS B 136 20.65 -21.81 -18.89
C LYS B 136 20.50 -22.67 -17.65
N HIS B 137 21.24 -22.31 -16.60
CA HIS B 137 21.18 -23.03 -15.32
C HIS B 137 19.78 -22.93 -14.70
N MET B 138 19.18 -21.72 -14.73
CA MET B 138 17.81 -21.51 -14.26
C MET B 138 16.85 -22.37 -15.06
N LYS B 139 16.99 -22.46 -16.40
CA LYS B 139 16.08 -23.26 -17.21
C LYS B 139 16.22 -24.74 -16.84
N GLU B 140 17.47 -25.25 -16.76
CA GLU B 140 17.67 -26.67 -16.43
C GLU B 140 17.03 -27.01 -15.07
N PHE B 141 17.31 -26.18 -14.06
CA PHE B 141 16.87 -26.49 -12.71
C PHE B 141 15.35 -26.37 -12.60
N SER B 142 14.78 -25.30 -13.15
CA SER B 142 13.34 -25.09 -13.05
C SER B 142 12.61 -26.20 -13.83
N ASP B 143 13.13 -26.59 -14.99
CA ASP B 143 12.52 -27.69 -15.72
C ASP B 143 12.54 -28.97 -14.88
N SER B 144 13.63 -29.26 -14.17
CA SER B 144 13.69 -30.49 -13.38
C SER B 144 12.76 -30.45 -12.18
N ILE B 145 12.55 -29.29 -11.58
CA ILE B 145 11.58 -29.18 -10.51
C ILE B 145 10.19 -29.47 -11.05
N ARG B 146 9.86 -28.85 -12.19
CA ARG B 146 8.52 -28.92 -12.77
C ARG B 146 8.16 -30.31 -13.31
N ASP B 147 9.15 -31.04 -13.83
CA ASP B 147 8.88 -32.35 -14.44
C ASP B 147 9.11 -33.48 -13.43
N GLY B 148 9.50 -33.18 -12.19
CA GLY B 148 9.63 -34.22 -11.14
C GLY B 148 10.95 -34.97 -11.18
N SER B 149 11.88 -34.60 -12.08
CA SER B 149 13.17 -35.32 -12.17
C SER B 149 14.09 -34.91 -10.99
N TRP B 150 13.88 -33.72 -10.43
CA TRP B 150 14.44 -33.36 -9.14
C TRP B 150 13.49 -33.78 -8.04
N THR B 151 13.93 -34.78 -7.24
CA THR B 151 13.16 -35.24 -6.13
C THR B 151 13.77 -34.85 -4.78
N GLY B 152 12.89 -34.77 -3.79
CA GLY B 152 13.26 -34.59 -2.38
C GLY B 152 13.93 -35.82 -1.79
N TYR B 153 14.29 -35.73 -0.51
CA TYR B 153 15.18 -36.71 0.10
C TYR B 153 14.46 -38.03 0.36
N THR B 154 13.14 -38.08 0.20
CA THR B 154 12.42 -39.34 0.32
C THR B 154 11.89 -39.79 -1.05
N GLY B 155 12.33 -39.15 -2.12
CA GLY B 155 12.03 -39.57 -3.49
C GLY B 155 10.77 -38.99 -4.11
N LYS B 156 10.21 -37.93 -3.51
CA LYS B 156 8.98 -37.28 -3.94
C LYS B 156 9.27 -36.03 -4.76
N SER B 157 8.41 -35.76 -5.73
CA SER B 157 8.48 -34.48 -6.43
C SER B 157 8.24 -33.36 -5.43
N ILE B 158 8.80 -32.17 -5.80
CA ILE B 158 8.58 -30.92 -5.07
C ILE B 158 7.21 -30.35 -5.36
N THR B 159 6.52 -29.93 -4.28
CA THR B 159 5.21 -29.35 -4.36
C THR B 159 5.24 -27.87 -3.98
N ASP B 160 6.24 -27.47 -3.20
CA ASP B 160 6.22 -26.12 -2.64
C ASP B 160 7.62 -25.57 -2.72
N VAL B 161 7.74 -24.29 -3.13
CA VAL B 161 9.02 -23.60 -3.25
C VAL B 161 8.90 -22.37 -2.40
N VAL B 162 9.84 -22.18 -1.46
CA VAL B 162 9.82 -21.06 -0.52
C VAL B 162 11.04 -20.20 -0.82
N ASN B 163 10.78 -18.95 -1.24
CA ASN B 163 11.82 -17.96 -1.42
C ASN B 163 12.04 -17.26 -0.07
N ILE B 164 13.29 -17.18 0.36
CA ILE B 164 13.66 -16.47 1.58
C ILE B 164 14.58 -15.33 1.21
N GLY B 165 14.15 -14.11 1.50
CA GLY B 165 14.90 -12.91 1.14
C GLY B 165 14.07 -11.69 1.51
N ILE B 166 14.70 -10.50 1.45
CA ILE B 166 13.96 -9.31 1.85
C ILE B 166 14.27 -8.19 0.85
N GLY B 167 13.34 -7.25 0.77
CA GLY B 167 13.53 -6.09 -0.10
C GLY B 167 13.57 -6.51 -1.58
N GLY B 168 14.61 -6.08 -2.29
CA GLY B 168 14.80 -6.47 -3.68
C GLY B 168 14.90 -7.95 -3.93
N SER B 169 15.25 -8.72 -2.91
CA SER B 169 15.32 -10.17 -3.02
C SER B 169 14.00 -10.88 -2.73
N ASP B 170 12.94 -10.11 -2.48
CA ASP B 170 11.62 -10.60 -2.13
C ASP B 170 10.54 -10.04 -3.04
N LEU B 171 10.43 -8.71 -3.15
CA LEU B 171 9.19 -8.13 -3.64
C LEU B 171 8.96 -8.38 -5.13
N GLY B 172 10.01 -8.45 -5.95
CA GLY B 172 9.88 -8.81 -7.35
C GLY B 172 9.28 -10.19 -7.50
N PRO B 173 9.91 -11.20 -6.88
CA PRO B 173 9.35 -12.57 -6.89
C PRO B 173 7.87 -12.57 -6.46
N VAL B 174 7.55 -11.90 -5.32
CA VAL B 174 6.16 -11.86 -4.84
C VAL B 174 5.26 -11.27 -5.95
N MET B 175 5.59 -10.08 -6.43
CA MET B 175 4.67 -9.35 -7.26
C MET B 175 4.47 -10.07 -8.60
N VAL B 176 5.58 -10.62 -9.13
CA VAL B 176 5.54 -11.22 -10.46
C VAL B 176 4.86 -12.59 -10.43
N THR B 177 5.08 -13.39 -9.39
CA THR B 177 4.34 -14.63 -9.29
C THR B 177 2.85 -14.40 -9.07
N GLU B 178 2.47 -13.37 -8.30
CA GLU B 178 1.06 -13.02 -8.19
C GLU B 178 0.54 -12.57 -9.55
N ALA B 179 1.25 -11.69 -10.26
CA ALA B 179 0.76 -11.10 -11.48
C ALA B 179 0.55 -12.14 -12.57
N LEU B 180 1.43 -13.17 -12.59
CA LEU B 180 1.44 -14.16 -13.66
C LEU B 180 0.90 -15.51 -13.18
N LYS B 181 0.12 -15.50 -12.09
CA LYS B 181 -0.39 -16.72 -11.48
C LYS B 181 -1.25 -17.54 -12.44
N ALA B 182 -1.84 -16.91 -13.46
CA ALA B 182 -2.63 -17.64 -14.45
C ALA B 182 -1.81 -18.69 -15.19
N TYR B 183 -0.48 -18.51 -15.20
CA TYR B 183 0.45 -19.33 -15.97
C TYR B 183 1.06 -20.45 -15.11
N SER B 184 0.62 -20.55 -13.85
CA SER B 184 1.15 -21.55 -12.93
C SER B 184 0.45 -22.89 -13.18
N LYS B 185 0.92 -23.93 -12.46
CA LYS B 185 0.23 -25.20 -12.58
C LYS B 185 -0.23 -25.71 -11.24
N PRO B 186 -1.37 -26.42 -11.23
CA PRO B 186 -1.86 -27.01 -10.01
C PRO B 186 -0.80 -27.93 -9.42
N GLY B 187 -0.64 -27.81 -8.10
CA GLY B 187 0.21 -28.71 -7.37
C GLY B 187 1.65 -28.23 -7.20
N LEU B 188 2.00 -27.06 -7.77
CA LEU B 188 3.32 -26.50 -7.56
C LEU B 188 3.13 -25.06 -7.12
N ASN B 189 3.31 -24.84 -5.80
CA ASN B 189 3.00 -23.55 -5.18
C ASN B 189 4.29 -22.84 -4.75
N VAL B 190 4.21 -21.50 -4.69
CA VAL B 190 5.31 -20.69 -4.21
C VAL B 190 4.88 -19.91 -2.98
N HIS B 191 5.87 -19.66 -2.12
CA HIS B 191 5.67 -18.99 -0.84
C HIS B 191 6.90 -18.13 -0.58
N PHE B 192 6.76 -17.15 0.33
CA PHE B 192 7.76 -16.14 0.57
C PHE B 192 7.92 -15.98 2.09
N ILE B 193 9.15 -16.03 2.58
CA ILE B 193 9.48 -15.59 3.94
C ILE B 193 10.44 -14.42 3.78
N SER B 194 10.08 -13.27 4.39
CA SER B 194 10.89 -12.08 4.23
C SER B 194 11.11 -11.30 5.52
N ASN B 195 10.04 -11.02 6.26
CA ASN B 195 10.14 -10.32 7.52
C ASN B 195 11.03 -11.12 8.49
N ILE B 196 11.81 -10.41 9.30
CA ILE B 196 12.45 -11.04 10.46
C ILE B 196 11.42 -11.49 11.49
N ASP B 197 10.27 -10.82 11.58
CA ASP B 197 9.22 -11.18 12.51
C ASP B 197 8.99 -12.70 12.41
N GLY B 198 9.15 -13.42 13.54
CA GLY B 198 9.03 -14.87 13.48
C GLY B 198 7.67 -15.38 13.04
N THR B 199 6.64 -14.54 13.10
CA THR B 199 5.36 -14.89 12.52
C THR B 199 5.51 -15.34 11.07
N HIS B 200 6.37 -14.67 10.29
CA HIS B 200 6.47 -14.96 8.87
C HIS B 200 6.94 -16.40 8.65
N THR B 201 7.95 -16.80 9.41
CA THR B 201 8.46 -18.16 9.38
C THR B 201 7.41 -19.16 9.84
N ALA B 202 6.85 -18.88 11.01
CA ALA B 202 5.90 -19.81 11.61
C ALA B 202 4.71 -20.07 10.69
N GLU B 203 4.08 -19.01 10.19
CA GLU B 203 2.86 -19.16 9.39
C GLU B 203 3.17 -19.79 8.02
N THR B 204 4.29 -19.43 7.43
CA THR B 204 4.65 -19.97 6.11
C THR B 204 4.89 -21.47 6.17
N LEU B 205 5.59 -21.94 7.20
CA LEU B 205 6.04 -23.33 7.23
C LEU B 205 5.00 -24.26 7.85
N LYS B 206 4.00 -23.71 8.52
CA LYS B 206 3.00 -24.45 9.31
C LYS B 206 2.44 -25.66 8.58
N ASN B 207 2.06 -25.49 7.31
CA ASN B 207 1.36 -26.60 6.67
C ASN B 207 2.25 -27.24 5.59
N LEU B 208 3.54 -26.93 5.54
CA LEU B 208 4.40 -27.50 4.50
C LEU B 208 5.03 -28.81 4.97
N ASN B 209 5.43 -29.62 3.98
CA ASN B 209 6.05 -30.92 4.21
C ASN B 209 7.53 -30.76 3.91
N PRO B 210 8.46 -30.96 4.86
CA PRO B 210 9.88 -30.92 4.55
C PRO B 210 10.32 -31.80 3.37
N GLU B 211 9.68 -32.98 3.20
CA GLU B 211 10.00 -33.88 2.12
C GLU B 211 9.75 -33.32 0.71
N THR B 212 8.90 -32.30 0.57
CA THR B 212 8.46 -31.83 -0.74
C THR B 212 8.58 -30.32 -0.86
N THR B 213 9.35 -29.72 0.05
CA THR B 213 9.57 -28.27 0.03
C THR B 213 11.00 -27.95 -0.40
N LEU B 214 11.16 -27.00 -1.34
CA LEU B 214 12.46 -26.52 -1.82
C LEU B 214 12.60 -25.07 -1.36
N PHE B 215 13.75 -24.72 -0.76
CA PHE B 215 14.01 -23.33 -0.36
C PHE B 215 15.00 -22.70 -1.31
N LEU B 216 14.75 -21.42 -1.66
CA LEU B 216 15.67 -20.58 -2.41
C LEU B 216 16.07 -19.47 -1.47
N ILE B 217 17.36 -19.42 -1.12
CA ILE B 217 17.86 -18.35 -0.24
C ILE B 217 18.40 -17.25 -1.13
N ALA B 218 17.65 -16.14 -1.17
CA ALA B 218 17.82 -15.03 -2.13
C ALA B 218 18.47 -13.86 -1.41
N SER B 219 19.75 -13.64 -1.70
CA SER B 219 20.51 -12.57 -1.10
C SER B 219 21.71 -12.19 -1.95
N LYS B 220 21.68 -10.96 -2.48
CA LYS B 220 22.82 -10.42 -3.20
C LYS B 220 24.12 -10.60 -2.42
N THR B 221 24.15 -10.10 -1.16
CA THR B 221 25.36 -10.13 -0.34
C THR B 221 25.56 -11.48 0.33
N PHE B 222 24.43 -12.15 0.61
CA PHE B 222 24.39 -13.38 1.41
C PHE B 222 24.89 -13.09 2.84
N THR B 223 24.71 -11.84 3.31
CA THR B 223 25.05 -11.56 4.70
C THR B 223 23.92 -10.85 5.46
N THR B 224 22.82 -10.51 4.79
CA THR B 224 21.75 -9.71 5.37
C THR B 224 21.29 -10.47 6.60
N ALA B 225 21.24 -9.74 7.73
CA ALA B 225 20.80 -10.31 9.01
C ALA B 225 19.49 -11.07 8.90
N GLU B 226 18.45 -10.42 8.41
CA GLU B 226 17.13 -11.00 8.40
C GLU B 226 17.16 -12.27 7.57
N THR B 227 17.78 -12.25 6.38
CA THR B 227 17.68 -13.37 5.48
C THR B 227 18.44 -14.59 6.01
N ILE B 228 19.65 -14.35 6.51
CA ILE B 228 20.42 -15.47 7.05
C ILE B 228 19.76 -16.06 8.31
N THR B 229 19.11 -15.21 9.12
CA THR B 229 18.40 -15.69 10.31
C THR B 229 17.23 -16.53 9.86
N ASN B 230 16.47 -16.03 8.88
CA ASN B 230 15.33 -16.75 8.35
C ASN B 230 15.80 -18.06 7.71
N ALA B 231 16.92 -18.02 6.98
CA ALA B 231 17.36 -19.21 6.27
C ALA B 231 17.78 -20.28 7.27
N THR B 232 18.44 -19.84 8.34
CA THR B 232 18.85 -20.76 9.40
C THR B 232 17.63 -21.40 10.06
N SER B 233 16.57 -20.63 10.33
CA SER B 233 15.32 -21.16 10.86
C SER B 233 14.74 -22.22 9.91
N ALA B 234 14.74 -21.94 8.58
CA ALA B 234 14.23 -22.89 7.59
C ALA B 234 15.08 -24.17 7.59
N LYS B 235 16.38 -24.02 7.68
CA LYS B 235 17.29 -25.17 7.71
C LYS B 235 16.99 -26.04 8.93
N ASN B 236 16.79 -25.37 10.06
CA ASN B 236 16.50 -26.11 11.30
C ASN B 236 15.15 -26.81 11.23
N TRP B 237 14.11 -26.17 10.68
CA TRP B 237 12.82 -26.79 10.43
C TRP B 237 13.02 -28.04 9.55
N PHE B 238 13.78 -27.90 8.48
CA PHE B 238 14.02 -29.01 7.58
C PHE B 238 14.75 -30.16 8.29
N LEU B 239 15.83 -29.83 8.98
CA LEU B 239 16.62 -30.88 9.62
C LEU B 239 15.90 -31.52 10.79
N ALA B 240 14.95 -30.83 11.44
CA ALA B 240 14.18 -31.48 12.50
C ALA B 240 13.52 -32.75 11.96
N THR B 241 13.07 -32.70 10.70
CA THR B 241 12.43 -33.85 10.06
C THR B 241 13.46 -34.74 9.36
N ALA B 242 14.34 -34.18 8.54
CA ALA B 242 15.27 -34.93 7.71
C ALA B 242 16.40 -35.62 8.49
N LYS B 243 16.89 -34.95 9.54
CA LYS B 243 18.02 -35.37 10.40
C LYS B 243 19.43 -35.10 9.86
N ASP B 244 19.78 -35.57 8.69
CA ASP B 244 21.13 -35.55 8.18
C ASP B 244 21.28 -34.40 7.19
N SER B 245 22.38 -33.66 7.33
CA SER B 245 22.64 -32.51 6.51
C SER B 245 22.94 -32.93 5.07
N LYS B 246 23.22 -34.21 4.78
CA LYS B 246 23.49 -34.56 3.40
C LYS B 246 22.26 -34.30 2.53
N HIS B 247 21.10 -34.26 3.21
CA HIS B 247 19.80 -34.09 2.55
C HIS B 247 19.50 -32.64 2.20
N ILE B 248 20.28 -31.71 2.76
CA ILE B 248 20.13 -30.30 2.39
C ILE B 248 20.28 -30.06 0.90
N ALA B 249 21.16 -30.81 0.23
CA ALA B 249 21.54 -30.55 -1.13
C ALA B 249 20.35 -30.75 -2.06
N LYS B 250 19.31 -31.45 -1.60
CA LYS B 250 18.16 -31.68 -2.46
C LYS B 250 17.08 -30.63 -2.17
N HIS B 251 17.24 -29.77 -1.13
CA HIS B 251 16.15 -28.91 -0.67
C HIS B 251 16.54 -27.46 -0.55
N PHE B 252 17.82 -27.11 -0.73
CA PHE B 252 18.23 -25.72 -0.59
C PHE B 252 19.09 -25.27 -1.76
N ALA B 253 18.75 -24.11 -2.33
CA ALA B 253 19.55 -23.47 -3.36
C ALA B 253 19.76 -22.01 -2.96
N ALA B 254 20.70 -21.34 -3.62
CA ALA B 254 21.01 -19.94 -3.27
C ALA B 254 21.05 -19.10 -4.53
N LEU B 255 20.58 -17.86 -4.40
CA LEU B 255 20.56 -16.86 -5.47
C LEU B 255 21.40 -15.70 -4.96
N SER B 256 22.61 -15.50 -5.51
CA SER B 256 23.54 -14.60 -4.84
C SER B 256 24.69 -14.16 -5.74
N THR B 257 25.42 -13.13 -5.26
CA THR B 257 26.70 -12.75 -5.82
C THR B 257 27.87 -13.31 -5.00
N ASN B 258 27.65 -13.96 -3.85
CA ASN B 258 28.73 -14.27 -2.92
C ASN B 258 28.87 -15.79 -2.76
N GLU B 259 29.64 -16.43 -3.65
CA GLU B 259 29.82 -17.88 -3.55
C GLU B 259 30.43 -18.31 -2.23
N LYS B 260 31.42 -17.56 -1.72
CA LYS B 260 32.09 -17.96 -0.49
C LYS B 260 31.10 -18.09 0.67
N GLU B 261 30.20 -17.08 0.80
CA GLU B 261 29.22 -17.12 1.89
C GLU B 261 28.11 -18.15 1.68
N VAL B 262 27.71 -18.42 0.44
CA VAL B 262 26.75 -19.50 0.17
C VAL B 262 27.33 -20.84 0.64
N VAL B 263 28.59 -21.08 0.28
CA VAL B 263 29.19 -22.39 0.58
C VAL B 263 29.39 -22.52 2.09
N ALA B 264 29.80 -21.41 2.71
CA ALA B 264 29.95 -21.34 4.17
C ALA B 264 28.64 -21.67 4.89
N PHE B 265 27.49 -21.32 4.28
CA PHE B 265 26.20 -21.63 4.86
C PHE B 265 25.88 -23.11 4.73
N GLY B 266 26.49 -23.88 3.82
CA GLY B 266 26.12 -25.29 3.65
C GLY B 266 25.35 -25.58 2.36
N ILE B 267 25.29 -24.59 1.46
CA ILE B 267 24.66 -24.84 0.16
C ILE B 267 25.79 -25.16 -0.82
N ASP B 268 25.58 -26.26 -1.56
CA ASP B 268 26.50 -26.70 -2.61
CA ASP B 268 26.53 -26.68 -2.61
C ASP B 268 26.62 -25.60 -3.69
N ALA B 269 27.83 -25.36 -4.20
CA ALA B 269 28.03 -24.33 -5.21
C ALA B 269 27.29 -24.73 -6.48
N LYS B 270 27.05 -26.04 -6.73
CA LYS B 270 26.28 -26.45 -7.91
C LYS B 270 24.84 -25.90 -7.91
N ASN B 271 24.33 -25.62 -6.71
CA ASN B 271 22.97 -25.13 -6.50
C ASN B 271 22.94 -23.65 -6.20
N MET B 272 23.98 -22.95 -6.66
CA MET B 272 24.04 -21.50 -6.62
C MET B 272 23.73 -20.95 -8.00
N PHE B 273 22.97 -19.87 -8.01
CA PHE B 273 22.56 -19.19 -9.22
C PHE B 273 23.06 -17.77 -9.02
N GLY B 274 24.07 -17.37 -9.83
CA GLY B 274 24.83 -16.16 -9.60
C GLY B 274 24.27 -14.92 -10.27
N PHE B 275 24.67 -13.78 -9.75
CA PHE B 275 24.53 -12.50 -10.46
C PHE B 275 25.65 -11.60 -9.98
N GLU B 276 25.71 -10.40 -10.58
CA GLU B 276 26.80 -9.48 -10.38
C GLU B 276 26.40 -8.23 -9.59
N SER B 277 27.45 -7.53 -9.13
CA SER B 277 27.29 -6.34 -8.30
C SER B 277 26.51 -5.21 -9.00
N TRP B 278 26.47 -5.22 -10.34
CA TRP B 278 25.81 -4.18 -11.11
C TRP B 278 24.30 -4.40 -11.25
N VAL B 279 23.75 -5.42 -10.55
CA VAL B 279 22.32 -5.61 -10.46
C VAL B 279 21.87 -5.07 -9.10
N GLY B 280 21.14 -3.96 -9.12
CA GLY B 280 20.54 -3.43 -7.91
C GLY B 280 19.38 -4.33 -7.47
N GLY B 281 19.17 -4.46 -6.13
CA GLY B 281 18.09 -5.29 -5.63
C GLY B 281 16.73 -4.98 -6.27
N ARG B 282 16.39 -3.69 -6.34
CA ARG B 282 15.11 -3.25 -6.85
C ARG B 282 14.98 -3.33 -8.37
N TYR B 283 16.06 -3.81 -9.01
CA TYR B 283 16.15 -4.09 -10.42
C TYR B 283 16.58 -5.54 -10.66
N SER B 284 16.35 -6.44 -9.71
CA SER B 284 16.98 -7.77 -9.73
C SER B 284 16.05 -8.90 -10.15
N VAL B 285 14.74 -8.68 -10.35
CA VAL B 285 13.86 -9.83 -10.61
C VAL B 285 14.18 -10.48 -11.96
N TRP B 286 14.92 -9.77 -12.82
CA TRP B 286 15.34 -10.23 -14.15
C TRP B 286 16.49 -11.21 -14.10
N SER B 287 17.19 -11.27 -12.95
CA SER B 287 18.37 -12.09 -12.70
C SER B 287 17.98 -13.45 -12.13
N ALA B 288 19.00 -14.14 -11.55
CA ALA B 288 18.81 -15.34 -10.75
C ALA B 288 17.74 -15.14 -9.66
N ILE B 289 17.56 -13.92 -9.15
CA ILE B 289 16.50 -13.63 -8.17
C ILE B 289 15.12 -14.02 -8.67
N GLY B 290 14.89 -13.98 -9.98
CA GLY B 290 13.64 -14.45 -10.52
C GLY B 290 13.44 -15.97 -10.60
N LEU B 291 14.34 -16.81 -10.06
CA LEU B 291 14.20 -18.26 -10.20
C LEU B 291 12.85 -18.77 -9.74
N SER B 292 12.30 -18.24 -8.63
CA SER B 292 10.98 -18.65 -8.19
C SER B 292 9.91 -18.44 -9.27
N VAL B 293 10.04 -17.36 -10.05
CA VAL B 293 9.12 -17.14 -11.17
C VAL B 293 9.28 -18.21 -12.25
N ALA B 294 10.52 -18.50 -12.65
CA ALA B 294 10.77 -19.59 -13.62
C ALA B 294 10.25 -20.94 -13.15
N ILE B 295 10.34 -21.22 -11.83
CA ILE B 295 9.79 -22.47 -11.34
C ILE B 295 8.27 -22.42 -11.38
N TYR B 296 7.67 -21.32 -10.94
CA TYR B 296 6.21 -21.28 -10.83
C TYR B 296 5.51 -21.32 -12.17
N ILE B 297 5.99 -20.59 -13.19
CA ILE B 297 5.29 -20.47 -14.48
C ILE B 297 6.07 -21.07 -15.64
N GLY B 298 7.26 -21.62 -15.40
CA GLY B 298 8.14 -22.21 -16.42
C GLY B 298 9.11 -21.23 -17.05
N PHE B 299 10.28 -21.75 -17.41
CA PHE B 299 11.34 -20.88 -17.89
C PHE B 299 10.92 -20.12 -19.15
N GLU B 300 10.15 -20.75 -20.04
CA GLU B 300 9.78 -20.08 -21.28
C GLU B 300 8.97 -18.82 -21.02
N ASN B 301 8.02 -18.89 -20.09
CA ASN B 301 7.28 -17.70 -19.69
C ASN B 301 8.18 -16.65 -19.06
N PHE B 302 9.11 -17.09 -18.19
CA PHE B 302 10.07 -16.16 -17.62
C PHE B 302 10.94 -15.49 -18.69
N ASN B 303 11.35 -16.26 -19.71
CA ASN B 303 12.13 -15.70 -20.82
C ASN B 303 11.30 -14.68 -21.60
N ASP B 304 10.01 -14.95 -21.82
CA ASP B 304 9.13 -14.02 -22.52
C ASP B 304 8.98 -12.71 -21.73
N PHE B 305 8.94 -12.81 -20.39
CA PHE B 305 8.99 -11.67 -19.48
C PHE B 305 10.26 -10.85 -19.69
N LEU B 306 11.44 -11.52 -19.73
CA LEU B 306 12.68 -10.82 -20.03
C LEU B 306 12.63 -10.12 -21.38
N LYS B 307 12.07 -10.80 -22.39
CA LYS B 307 12.03 -10.24 -23.74
C LYS B 307 11.12 -9.01 -23.81
N GLY B 308 10.04 -8.99 -23.02
CA GLY B 308 9.21 -7.78 -22.93
C GLY B 308 9.99 -6.59 -22.41
N ALA B 309 10.79 -6.82 -21.36
CA ALA B 309 11.66 -5.77 -20.83
C ALA B 309 12.67 -5.33 -21.89
N GLU B 310 13.29 -6.28 -22.60
CA GLU B 310 14.27 -5.97 -23.63
C GLU B 310 13.66 -5.09 -24.73
N ALA B 311 12.44 -5.40 -25.16
CA ALA B 311 11.76 -4.58 -26.17
C ALA B 311 11.52 -3.14 -25.69
N MET B 312 11.16 -2.98 -24.40
CA MET B 312 10.95 -1.65 -23.85
C MET B 312 12.30 -0.93 -23.72
N ASP B 313 13.36 -1.67 -23.36
CA ASP B 313 14.71 -1.14 -23.37
C ASP B 313 15.09 -0.54 -24.73
N GLN B 314 14.81 -1.30 -25.79
CA GLN B 314 15.10 -0.86 -27.16
C GLN B 314 14.30 0.39 -27.49
N HIS B 315 13.03 0.45 -27.12
CA HIS B 315 12.23 1.65 -27.28
C HIS B 315 12.89 2.83 -26.58
N PHE B 316 13.24 2.65 -25.29
CA PHE B 316 13.82 3.78 -24.55
C PHE B 316 15.15 4.24 -25.17
N LEU B 317 15.98 3.32 -25.63
CA LEU B 317 17.31 3.64 -26.15
C LEU B 317 17.23 4.35 -27.49
N THR B 318 16.22 4.04 -28.30
CA THR B 318 16.29 4.39 -29.72
C THR B 318 15.28 5.42 -30.18
N THR B 319 14.41 5.88 -29.27
CA THR B 319 13.32 6.77 -29.64
C THR B 319 13.65 8.21 -29.30
N PRO B 320 13.47 9.16 -30.23
CA PRO B 320 13.61 10.56 -29.88
C PRO B 320 12.74 10.90 -28.66
N LEU B 321 13.23 11.84 -27.84
CA LEU B 321 12.62 12.10 -26.53
C LEU B 321 11.13 12.43 -26.64
N GLU B 322 10.75 13.21 -27.68
CA GLU B 322 9.37 13.66 -27.83
C GLU B 322 8.37 12.53 -28.04
N ASN B 323 8.83 11.33 -28.41
CA ASN B 323 7.93 10.21 -28.57
C ASN B 323 8.32 8.99 -27.75
N ASN B 324 9.21 9.21 -26.78
CA ASN B 324 9.79 8.16 -25.96
C ASN B 324 8.94 7.99 -24.69
N ILE B 325 8.21 6.89 -24.64
CA ILE B 325 7.07 6.74 -23.72
C ILE B 325 7.55 6.87 -22.27
N PRO B 326 8.59 6.13 -21.79
CA PRO B 326 9.03 6.28 -20.41
C PRO B 326 9.54 7.68 -20.09
N VAL B 327 10.16 8.34 -21.06
CA VAL B 327 10.59 9.74 -20.87
C VAL B 327 9.38 10.64 -20.66
N ILE B 328 8.34 10.49 -21.49
CA ILE B 328 7.13 11.32 -21.35
C ILE B 328 6.55 11.17 -19.94
N GLY B 329 6.44 9.92 -19.49
CA GLY B 329 5.94 9.66 -18.15
C GLY B 329 6.78 10.33 -17.07
N GLY B 330 8.11 10.27 -17.25
CA GLY B 330 9.04 10.88 -16.29
C GLY B 330 8.95 12.41 -16.30
N LEU B 331 8.81 13.01 -17.48
CA LEU B 331 8.68 14.46 -17.60
C LEU B 331 7.38 14.90 -16.93
N LEU B 332 6.28 14.18 -17.07
CA LEU B 332 5.03 14.57 -16.42
C LEU B 332 5.20 14.49 -14.91
N SER B 333 5.88 13.45 -14.41
CA SER B 333 6.15 13.33 -12.98
C SER B 333 6.91 14.54 -12.45
N VAL B 334 7.96 14.97 -13.17
CA VAL B 334 8.72 16.15 -12.75
C VAL B 334 7.79 17.38 -12.77
N TRP B 335 6.99 17.54 -13.82
CA TRP B 335 6.05 18.66 -13.90
C TRP B 335 5.20 18.75 -12.64
N TYR B 336 4.61 17.62 -12.23
CA TYR B 336 3.74 17.65 -11.08
C TYR B 336 4.50 17.81 -9.77
N ASN B 337 5.61 17.10 -9.61
CA ASN B 337 6.37 17.14 -8.39
C ASN B 337 6.98 18.50 -8.11
N ASN B 338 7.59 19.08 -9.16
CA ASN B 338 8.45 20.25 -8.99
C ASN B 338 7.72 21.55 -9.28
N PHE B 339 6.67 21.54 -10.09
CA PHE B 339 6.05 22.79 -10.48
C PHE B 339 4.67 22.93 -9.82
N PHE B 340 3.90 21.85 -9.70
CA PHE B 340 2.64 21.88 -8.97
C PHE B 340 2.83 21.62 -7.47
N GLY B 341 3.96 21.01 -7.07
CA GLY B 341 4.19 20.64 -5.69
C GLY B 341 3.36 19.45 -5.22
N ALA B 342 2.96 18.58 -6.15
CA ALA B 342 2.26 17.36 -5.76
C ALA B 342 3.27 16.37 -5.23
N GLN B 343 3.10 15.82 -4.03
CA GLN B 343 4.10 14.99 -3.38
C GLN B 343 3.94 13.51 -3.73
N THR B 344 2.82 13.14 -4.34
CA THR B 344 2.50 11.73 -4.49
C THR B 344 2.20 11.37 -5.94
N HIS B 345 2.27 10.06 -6.21
CA HIS B 345 1.98 9.46 -7.50
C HIS B 345 1.21 8.17 -7.19
N LEU B 346 0.01 8.08 -7.72
CA LEU B 346 -0.87 6.94 -7.53
C LEU B 346 -0.83 6.01 -8.73
N VAL B 347 -0.72 4.70 -8.46
CA VAL B 347 -0.80 3.68 -9.50
C VAL B 347 -1.90 2.69 -9.10
N VAL B 348 -2.86 2.50 -10.04
CA VAL B 348 -4.07 1.71 -9.78
C VAL B 348 -4.22 0.71 -10.92
N PRO B 349 -3.90 -0.56 -10.66
CA PRO B 349 -4.19 -1.59 -11.65
C PRO B 349 -5.63 -2.05 -11.52
N PHE B 350 -6.35 -2.00 -12.65
CA PHE B 350 -7.68 -2.52 -12.75
C PHE B 350 -7.58 -4.02 -13.07
N ASP B 351 -7.01 -4.72 -12.13
CA ASP B 351 -6.47 -6.04 -12.33
C ASP B 351 -6.11 -6.60 -10.97
N GLN B 352 -6.82 -7.64 -10.54
CA GLN B 352 -6.57 -8.28 -9.27
C GLN B 352 -5.20 -9.00 -9.23
N TYR B 353 -4.79 -9.66 -10.33
CA TYR B 353 -3.50 -10.32 -10.31
C TYR B 353 -2.38 -9.33 -10.02
N LEU B 354 -2.55 -8.06 -10.45
CA LEU B 354 -1.53 -7.05 -10.24
C LEU B 354 -1.65 -6.35 -8.89
N HIS B 355 -2.24 -6.99 -7.88
CA HIS B 355 -2.50 -6.29 -6.62
C HIS B 355 -1.24 -5.87 -5.86
N ARG B 356 -0.08 -6.51 -6.13
CA ARG B 356 1.17 -6.12 -5.48
C ARG B 356 2.05 -5.25 -6.40
N PHE B 357 1.51 -4.84 -7.56
CA PHE B 357 2.24 -4.02 -8.50
C PHE B 357 2.53 -2.66 -7.90
N PRO B 358 1.59 -1.91 -7.30
CA PRO B 358 1.91 -0.64 -6.66
C PRO B 358 3.02 -0.75 -5.59
N ALA B 359 2.99 -1.82 -4.79
CA ALA B 359 4.01 -2.00 -3.75
C ALA B 359 5.40 -2.17 -4.37
N TYR B 360 5.47 -2.95 -5.45
CA TYR B 360 6.73 -3.17 -6.15
C TYR B 360 7.24 -1.84 -6.71
N LEU B 361 6.37 -1.09 -7.37
CA LEU B 361 6.74 0.22 -7.90
C LEU B 361 7.10 1.21 -6.82
N GLN B 362 6.49 1.10 -5.63
CA GLN B 362 6.81 1.97 -4.52
C GLN B 362 8.30 1.78 -4.13
N GLN B 363 8.79 0.53 -4.09
CA GLN B 363 10.20 0.30 -3.85
C GLN B 363 11.06 0.85 -5.00
N LEU B 364 10.74 0.47 -6.24
CA LEU B 364 11.51 0.92 -7.39
C LEU B 364 11.70 2.44 -7.33
N SER B 365 10.58 3.10 -7.27
CA SER B 365 10.55 4.55 -7.37
C SER B 365 11.24 5.19 -6.18
N MET B 366 10.71 4.92 -4.97
CA MET B 366 11.12 5.72 -3.81
C MET B 366 12.55 5.39 -3.38
N GLU B 367 12.98 4.13 -3.48
CA GLU B 367 14.34 3.78 -3.13
C GLU B 367 15.33 4.29 -4.16
N SER B 368 14.93 4.39 -5.45
CA SER B 368 15.79 5.01 -6.45
C SER B 368 15.94 6.51 -6.22
N ASN B 369 14.79 7.19 -6.05
CA ASN B 369 14.79 8.64 -6.25
C ASN B 369 14.61 9.41 -4.93
N GLY B 370 14.62 8.75 -3.78
CA GLY B 370 14.60 9.43 -2.51
C GLY B 370 16.00 9.81 -2.07
N LYS B 371 16.48 10.92 -2.66
CA LYS B 371 17.85 11.36 -2.54
C LYS B 371 17.86 12.87 -2.41
N SER B 372 18.89 13.42 -1.75
CA SER B 372 18.98 14.87 -1.56
C SER B 372 20.30 15.43 -2.07
N VAL B 373 21.10 14.64 -2.78
CA VAL B 373 22.43 15.03 -3.22
C VAL B 373 22.56 14.67 -4.70
N THR B 374 23.16 15.60 -5.47
CA THR B 374 23.34 15.40 -6.89
C THR B 374 24.68 14.73 -7.23
N ARG B 375 24.83 14.40 -8.53
CA ARG B 375 26.05 13.84 -9.11
C ARG B 375 27.21 14.82 -9.08
N ALA B 376 26.95 16.10 -8.81
CA ALA B 376 27.99 17.06 -8.52
C ALA B 376 28.29 17.19 -7.02
N ASN B 377 27.67 16.32 -6.21
CA ASN B 377 27.95 16.18 -4.78
C ASN B 377 27.60 17.44 -4.00
N VAL B 378 26.49 18.06 -4.38
CA VAL B 378 25.86 19.16 -3.67
C VAL B 378 24.39 18.83 -3.34
N PHE B 379 23.85 19.51 -2.33
CA PHE B 379 22.51 19.25 -1.87
C PHE B 379 21.49 19.91 -2.81
N THR B 380 20.38 19.20 -3.03
CA THR B 380 19.28 19.74 -3.80
C THR B 380 18.42 20.56 -2.83
N ASN B 381 18.10 21.74 -3.27
CA ASN B 381 17.10 22.54 -2.59
C ASN B 381 15.83 22.61 -3.44
N TYR B 382 15.57 21.54 -4.20
CA TYR B 382 14.33 21.33 -4.90
C TYR B 382 13.92 19.90 -4.57
N GLN B 383 12.67 19.60 -4.92
CA GLN B 383 12.12 18.29 -4.61
C GLN B 383 12.64 17.19 -5.52
N THR B 384 12.90 16.03 -4.90
CA THR B 384 13.23 14.82 -5.67
C THR B 384 12.08 13.83 -5.57
N GLY B 385 12.38 12.57 -5.33
CA GLY B 385 11.39 11.51 -5.51
C GLY B 385 10.08 11.77 -4.81
N THR B 386 9.03 11.34 -5.53
CA THR B 386 7.66 11.35 -5.03
CA THR B 386 7.65 11.30 -5.10
C THR B 386 7.36 10.14 -4.15
N ILE B 387 6.25 10.24 -3.39
CA ILE B 387 5.74 9.10 -2.66
C ILE B 387 4.77 8.37 -3.58
N LEU B 388 5.06 7.10 -3.89
CA LEU B 388 4.22 6.35 -4.80
C LEU B 388 3.38 5.38 -3.96
N PHE B 389 2.09 5.27 -4.26
CA PHE B 389 1.19 4.38 -3.55
C PHE B 389 0.12 3.83 -4.51
N GLY B 390 -0.67 2.87 -4.00
CA GLY B 390 -1.85 2.41 -4.72
C GLY B 390 -2.34 1.07 -4.25
N GLU B 391 -3.51 0.75 -4.80
CA GLU B 391 -4.21 -0.50 -4.57
C GLU B 391 -4.99 -0.78 -5.83
N PRO B 392 -5.44 -2.01 -6.04
CA PRO B 392 -6.21 -2.30 -7.26
C PRO B 392 -7.60 -1.67 -7.22
N ALA B 393 -8.07 -1.43 -8.44
CA ALA B 393 -9.46 -1.11 -8.72
C ALA B 393 -10.16 -2.42 -9.16
N THR B 394 -11.47 -2.53 -8.85
CA THR B 394 -12.37 -1.47 -8.45
C THR B 394 -12.37 -1.17 -6.93
N ASN B 395 -11.74 -1.99 -6.10
CA ASN B 395 -11.70 -1.72 -4.68
C ASN B 395 -11.38 -0.26 -4.34
N ALA B 396 -10.29 0.27 -4.88
CA ALA B 396 -9.81 1.61 -4.53
C ALA B 396 -10.88 2.66 -4.76
N GLN B 397 -11.77 2.43 -5.73
CA GLN B 397 -12.88 3.36 -6.05
C GLN B 397 -13.82 3.57 -4.85
N HIS B 398 -13.89 2.58 -3.95
CA HIS B 398 -14.81 2.57 -2.82
C HIS B 398 -14.12 3.07 -1.55
N SER B 399 -12.86 3.47 -1.67
CA SER B 399 -12.11 3.88 -0.49
C SER B 399 -11.43 5.21 -0.73
N PHE B 400 -10.10 5.19 -0.95
CA PHE B 400 -9.38 6.46 -0.97
C PHE B 400 -9.62 7.26 -2.25
N PHE B 401 -10.30 6.70 -3.25
CA PHE B 401 -10.72 7.52 -4.37
C PHE B 401 -11.60 8.67 -3.92
N GLN B 402 -12.25 8.57 -2.76
CA GLN B 402 -12.97 9.75 -2.25
C GLN B 402 -12.03 10.95 -2.28
N LEU B 403 -10.83 10.81 -1.69
CA LEU B 403 -9.91 11.94 -1.59
C LEU B 403 -9.33 12.33 -2.95
N VAL B 404 -9.11 11.33 -3.81
CA VAL B 404 -8.67 11.63 -5.17
C VAL B 404 -9.66 12.56 -5.86
N HIS B 405 -10.97 12.32 -5.70
CA HIS B 405 -12.01 13.07 -6.37
C HIS B 405 -12.29 14.40 -5.71
N GLN B 406 -12.34 14.46 -4.35
CA GLN B 406 -12.92 15.64 -3.71
C GLN B 406 -12.02 16.26 -2.64
N GLY B 407 -10.80 15.78 -2.47
CA GLY B 407 -9.88 16.37 -1.51
C GLY B 407 -9.16 17.60 -2.07
N THR B 408 -8.18 18.07 -1.27
CA THR B 408 -7.49 19.32 -1.58
C THR B 408 -6.09 19.12 -2.17
N LYS B 409 -5.71 17.88 -2.51
CA LYS B 409 -4.38 17.50 -2.98
C LYS B 409 -4.47 17.01 -4.44
N LEU B 410 -3.54 17.48 -5.26
CA LEU B 410 -3.36 16.94 -6.61
C LEU B 410 -2.63 15.61 -6.45
N ILE B 411 -3.20 14.55 -7.04
CA ILE B 411 -2.65 13.20 -6.97
C ILE B 411 -2.63 12.67 -8.41
N PRO B 412 -1.52 12.91 -9.12
CA PRO B 412 -1.36 12.33 -10.47
C PRO B 412 -1.50 10.82 -10.39
N ALA B 413 -2.28 10.24 -11.31
CA ALA B 413 -2.62 8.82 -11.21
C ALA B 413 -2.48 8.10 -12.53
N ASP B 414 -1.96 6.87 -12.46
CA ASP B 414 -1.85 5.97 -13.60
C ASP B 414 -2.84 4.83 -13.38
N PHE B 415 -3.72 4.63 -14.35
CA PHE B 415 -4.70 3.54 -14.33
C PHE B 415 -4.29 2.52 -15.39
N ILE B 416 -4.32 1.22 -15.07
CA ILE B 416 -3.86 0.17 -15.99
C ILE B 416 -4.96 -0.87 -16.15
N LEU B 417 -5.31 -1.19 -17.40
CA LEU B 417 -6.32 -2.22 -17.68
C LEU B 417 -5.83 -3.11 -18.80
N ALA B 418 -6.11 -4.42 -18.70
CA ALA B 418 -6.00 -5.31 -19.87
C ALA B 418 -7.35 -5.43 -20.57
N ALA B 419 -7.35 -5.45 -21.91
CA ALA B 419 -8.61 -5.57 -22.64
C ALA B 419 -9.19 -6.99 -22.53
N GLN B 420 -8.29 -7.97 -22.39
CA GLN B 420 -8.60 -9.40 -22.26
C GLN B 420 -8.19 -9.89 -20.87
N SER B 421 -9.10 -10.65 -20.25
CA SER B 421 -8.88 -11.28 -18.94
C SER B 421 -8.35 -12.70 -19.15
N HIS B 422 -7.51 -13.16 -18.24
CA HIS B 422 -7.18 -14.57 -18.16
C HIS B 422 -8.35 -15.41 -17.63
N ASN B 423 -9.35 -14.79 -17.01
CA ASN B 423 -10.49 -15.45 -16.41
C ASN B 423 -11.78 -14.80 -16.88
N PRO B 424 -12.10 -14.93 -18.19
CA PRO B 424 -13.27 -14.27 -18.79
C PRO B 424 -14.59 -14.97 -18.48
N ILE B 425 -14.85 -15.14 -17.19
CA ILE B 425 -16.04 -15.86 -16.68
C ILE B 425 -17.32 -15.19 -17.19
N GLU B 426 -18.38 -16.02 -17.26
CA GLU B 426 -19.69 -15.53 -17.61
C GLU B 426 -19.66 -14.71 -18.89
N LYS B 427 -19.01 -15.26 -19.92
CA LYS B 427 -18.92 -14.66 -21.23
C LYS B 427 -18.54 -13.18 -21.10
N ASN B 428 -17.50 -12.96 -20.28
CA ASN B 428 -16.87 -11.64 -20.08
C ASN B 428 -17.75 -10.62 -19.37
N LEU B 429 -18.79 -11.06 -18.62
CA LEU B 429 -19.61 -10.11 -17.88
C LEU B 429 -18.80 -9.29 -16.87
N HIS B 430 -17.99 -9.99 -16.09
CA HIS B 430 -17.19 -9.28 -15.10
C HIS B 430 -16.17 -8.37 -15.75
N GLN B 431 -15.55 -8.80 -16.85
CA GLN B 431 -14.53 -8.02 -17.54
C GLN B 431 -15.08 -6.74 -18.19
N ARG B 432 -16.30 -6.81 -18.78
CA ARG B 432 -16.91 -5.58 -19.30
C ARG B 432 -17.23 -4.60 -18.16
N MET B 433 -17.70 -5.09 -17.03
CA MET B 433 -17.95 -4.25 -15.87
C MET B 433 -16.65 -3.63 -15.40
N LEU B 434 -15.59 -4.44 -15.26
CA LEU B 434 -14.31 -3.86 -14.83
C LEU B 434 -13.86 -2.76 -15.78
N ALA B 435 -13.92 -3.00 -17.10
CA ALA B 435 -13.47 -2.03 -18.08
C ALA B 435 -14.30 -0.76 -17.99
N SER B 436 -15.64 -0.91 -17.80
CA SER B 436 -16.47 0.29 -17.79
C SER B 436 -16.02 1.26 -16.67
N ASN B 437 -15.65 0.69 -15.54
CA ASN B 437 -15.12 1.45 -14.41
C ASN B 437 -13.83 2.20 -14.74
N PHE B 438 -12.87 1.53 -15.40
CA PHE B 438 -11.64 2.13 -15.87
C PHE B 438 -11.93 3.38 -16.69
N PHE B 439 -12.82 3.27 -17.70
CA PHE B 439 -13.05 4.43 -18.55
C PHE B 439 -13.78 5.52 -17.77
N ALA B 440 -14.78 5.13 -16.95
CA ALA B 440 -15.69 6.10 -16.33
C ALA B 440 -14.97 6.90 -15.24
N GLN B 441 -14.03 6.28 -14.54
CA GLN B 441 -13.31 6.98 -13.44
C GLN B 441 -12.37 8.06 -13.97
N SER B 442 -11.58 7.75 -15.03
CA SER B 442 -10.71 8.77 -15.56
C SER B 442 -11.52 9.87 -16.22
N GLU B 443 -12.65 9.53 -16.87
CA GLU B 443 -13.53 10.55 -17.42
C GLU B 443 -14.07 11.48 -16.32
N ALA B 444 -14.56 10.91 -15.23
CA ALA B 444 -15.11 11.73 -14.14
C ALA B 444 -14.06 12.61 -13.48
N LEU B 445 -12.81 12.12 -13.31
CA LEU B 445 -11.75 12.96 -12.74
C LEU B 445 -11.46 14.15 -13.64
N MET B 446 -11.64 14.00 -14.95
CA MET B 446 -11.44 15.11 -15.86
CA MET B 446 -11.43 15.12 -15.86
C MET B 446 -12.63 16.08 -15.88
N VAL B 447 -13.86 15.54 -16.04
CA VAL B 447 -14.97 16.46 -16.35
CA VAL B 447 -15.08 16.31 -16.33
C VAL B 447 -15.58 17.03 -15.08
N GLY B 448 -15.53 16.30 -13.98
CA GLY B 448 -16.07 16.84 -12.73
C GLY B 448 -17.60 17.01 -12.83
N LYS B 449 -18.12 17.85 -11.91
CA LYS B 449 -19.57 18.03 -11.80
C LYS B 449 -19.83 19.36 -11.12
N ASP B 450 -20.31 20.33 -11.90
CA ASP B 450 -20.39 21.69 -11.41
C ASP B 450 -21.67 21.96 -10.62
N GLU B 451 -21.71 23.16 -10.05
CA GLU B 451 -22.83 23.57 -9.19
C GLU B 451 -24.18 23.41 -9.88
N ALA B 452 -24.25 23.84 -11.15
CA ALA B 452 -25.49 23.77 -11.90
C ALA B 452 -25.96 22.33 -12.04
N LYS B 453 -25.03 21.39 -12.29
CA LYS B 453 -25.40 20.00 -12.49
C LYS B 453 -25.86 19.38 -11.19
N VAL B 454 -25.20 19.76 -10.09
CA VAL B 454 -25.62 19.24 -8.80
C VAL B 454 -27.04 19.70 -8.48
N LYS B 455 -27.34 20.98 -8.73
CA LYS B 455 -28.71 21.45 -8.57
C LYS B 455 -29.70 20.71 -9.46
N ALA B 456 -29.32 20.48 -10.71
CA ALA B 456 -30.25 19.83 -11.64
C ALA B 456 -30.56 18.41 -11.18
N GLU B 457 -29.59 17.79 -10.48
CA GLU B 457 -29.71 16.43 -9.97
C GLU B 457 -30.53 16.39 -8.67
N GLY B 458 -30.89 17.54 -8.08
CA GLY B 458 -31.86 17.54 -7.01
C GLY B 458 -31.40 18.16 -5.68
N ALA B 459 -30.12 18.52 -5.56
CA ALA B 459 -29.65 19.14 -4.33
C ALA B 459 -30.02 20.63 -4.26
N THR B 460 -30.32 21.06 -3.02
CA THR B 460 -30.65 22.44 -2.76
C THR B 460 -29.87 22.93 -1.53
N GLY B 461 -29.72 24.23 -1.45
CA GLY B 461 -29.22 24.90 -0.27
C GLY B 461 -27.79 24.44 0.03
N GLY B 462 -27.51 24.25 1.32
CA GLY B 462 -26.13 24.01 1.69
C GLY B 462 -25.60 22.64 1.24
N LEU B 463 -26.46 21.68 0.87
CA LEU B 463 -25.97 20.40 0.37
C LEU B 463 -25.11 20.57 -0.91
N VAL B 464 -25.46 21.52 -1.78
CA VAL B 464 -24.92 21.63 -3.12
C VAL B 464 -23.39 21.53 -3.17
N PRO B 465 -22.61 22.39 -2.49
CA PRO B 465 -21.15 22.34 -2.67
C PRO B 465 -20.53 21.00 -2.33
N HIS B 466 -21.15 20.28 -1.39
CA HIS B 466 -20.63 19.00 -0.93
C HIS B 466 -20.66 17.94 -2.03
N LYS B 467 -21.53 18.12 -3.04
CA LYS B 467 -21.69 17.12 -4.10
C LYS B 467 -20.98 17.55 -5.37
N GLU B 468 -20.27 18.69 -5.38
CA GLU B 468 -19.55 19.17 -6.57
C GLU B 468 -18.18 18.46 -6.69
N PHE B 469 -17.72 18.36 -7.94
CA PHE B 469 -16.39 17.82 -8.25
C PHE B 469 -15.69 18.80 -9.18
N SER B 470 -14.44 19.18 -8.89
CA SER B 470 -13.70 20.19 -9.65
C SER B 470 -13.45 19.74 -11.07
N GLY B 471 -13.25 18.44 -11.23
CA GLY B 471 -12.59 17.94 -12.43
C GLY B 471 -11.18 18.53 -12.63
N ASN B 472 -10.67 18.38 -13.86
CA ASN B 472 -9.30 18.74 -14.18
C ASN B 472 -8.31 18.04 -13.26
N ARG B 473 -8.66 16.83 -12.81
CA ARG B 473 -7.79 15.97 -12.00
C ARG B 473 -7.15 14.96 -12.93
N PRO B 474 -5.82 14.97 -13.04
CA PRO B 474 -5.16 14.27 -14.14
C PRO B 474 -5.06 12.77 -13.92
N THR B 475 -5.14 12.04 -15.03
CA THR B 475 -4.82 10.62 -15.09
C THR B 475 -3.99 10.33 -16.33
N THR B 476 -3.26 9.21 -16.27
CA THR B 476 -2.68 8.52 -17.39
C THR B 476 -3.36 7.17 -17.46
N SER B 477 -3.86 6.82 -18.66
CA SER B 477 -4.48 5.52 -18.88
C SER B 477 -3.55 4.64 -19.72
N ILE B 478 -3.31 3.44 -19.23
CA ILE B 478 -2.47 2.44 -19.87
C ILE B 478 -3.37 1.24 -20.16
N LEU B 479 -3.61 0.98 -21.46
CA LEU B 479 -4.45 -0.12 -21.89
C LEU B 479 -3.59 -1.16 -22.62
N ALA B 480 -3.51 -2.36 -22.05
CA ALA B 480 -2.79 -3.46 -22.67
C ALA B 480 -3.82 -4.35 -23.33
N GLN B 481 -3.36 -5.16 -24.27
CA GLN B 481 -4.24 -6.17 -24.84
C GLN B 481 -4.52 -7.27 -23.82
N LYS B 482 -3.49 -7.69 -23.12
CA LYS B 482 -3.57 -8.78 -22.17
C LYS B 482 -2.30 -8.73 -21.31
N ILE B 483 -2.41 -9.00 -20.02
CA ILE B 483 -1.22 -8.97 -19.15
C ILE B 483 -0.58 -10.35 -19.17
N THR B 484 0.13 -10.59 -20.28
CA THR B 484 1.01 -11.74 -20.50
C THR B 484 2.37 -11.49 -19.83
N PRO B 485 3.26 -12.52 -19.76
CA PRO B 485 4.62 -12.29 -19.25
C PRO B 485 5.31 -11.15 -20.01
N ALA B 486 5.19 -11.15 -21.34
CA ALA B 486 5.83 -10.11 -22.15
C ALA B 486 5.30 -8.73 -21.80
N THR B 487 3.97 -8.59 -21.64
CA THR B 487 3.40 -7.30 -21.33
C THR B 487 3.92 -6.84 -19.97
N LEU B 488 3.91 -7.72 -18.97
CA LEU B 488 4.36 -7.32 -17.65
C LEU B 488 5.82 -6.86 -17.69
N GLY B 489 6.66 -7.59 -18.41
CA GLY B 489 8.05 -7.21 -18.63
C GLY B 489 8.17 -5.78 -19.14
N SER B 490 7.42 -5.45 -20.20
CA SER B 490 7.44 -4.12 -20.76
C SER B 490 6.92 -3.08 -19.76
N LEU B 491 5.89 -3.42 -18.96
CA LEU B 491 5.32 -2.46 -18.03
C LEU B 491 6.33 -2.15 -16.91
N ILE B 492 7.00 -3.16 -16.36
CA ILE B 492 8.00 -2.90 -15.32
C ILE B 492 9.13 -2.03 -15.92
N ALA B 493 9.62 -2.39 -17.13
CA ALA B 493 10.71 -1.63 -17.72
C ALA B 493 10.25 -0.18 -18.00
N TYR B 494 8.99 0.05 -18.37
CA TYR B 494 8.46 1.41 -18.51
C TYR B 494 8.72 2.19 -17.21
N TYR B 495 8.29 1.62 -16.07
CA TYR B 495 8.52 2.31 -14.80
C TYR B 495 10.01 2.41 -14.44
N GLU B 496 10.85 1.42 -14.75
CA GLU B 496 12.28 1.57 -14.53
C GLU B 496 12.83 2.80 -15.26
N HIS B 497 12.44 2.97 -16.55
CA HIS B 497 13.00 4.04 -17.36
C HIS B 497 12.33 5.37 -17.06
N LEU B 498 11.09 5.35 -16.60
CA LEU B 498 10.46 6.56 -16.09
C LEU B 498 11.29 7.06 -14.90
N THR B 499 11.58 6.14 -13.98
CA THR B 499 12.35 6.41 -12.75
C THR B 499 13.71 6.97 -13.13
N PHE B 500 14.34 6.36 -14.17
CA PHE B 500 15.63 6.80 -14.69
C PHE B 500 15.50 8.27 -15.11
N THR B 501 14.46 8.57 -15.90
CA THR B 501 14.28 9.91 -16.44
C THR B 501 14.20 10.95 -15.33
N GLU B 502 13.33 10.68 -14.34
CA GLU B 502 13.17 11.61 -13.20
C GLU B 502 14.53 11.86 -12.58
N GLY B 503 15.27 10.80 -12.24
CA GLY B 503 16.53 10.97 -11.54
C GLY B 503 17.59 11.71 -12.36
N ALA B 504 17.55 11.52 -13.70
CA ALA B 504 18.48 12.23 -14.57
C ALA B 504 18.20 13.73 -14.56
N ILE B 505 16.92 14.11 -14.60
CA ILE B 505 16.57 15.55 -14.54
C ILE B 505 17.00 16.13 -13.21
N TRP B 506 16.72 15.45 -12.12
CA TRP B 506 17.10 15.93 -10.81
C TRP B 506 18.61 15.90 -10.54
N ASN B 507 19.33 15.15 -11.38
CA ASN B 507 20.77 14.98 -11.29
C ASN B 507 21.18 14.19 -10.05
N ILE B 508 20.31 13.25 -9.61
CA ILE B 508 20.63 12.37 -8.51
C ILE B 508 21.13 11.02 -9.02
N ASN B 509 21.72 10.25 -8.10
CA ASN B 509 22.09 8.87 -8.39
C ASN B 509 20.91 7.99 -8.02
N SER B 510 20.22 7.46 -9.03
CA SER B 510 19.06 6.62 -8.81
C SER B 510 19.42 5.23 -8.34
N PHE B 511 20.72 4.92 -8.22
CA PHE B 511 21.14 3.51 -8.17
C PHE B 511 21.84 3.11 -6.87
N ASP B 512 22.03 4.05 -5.94
CA ASP B 512 22.52 3.75 -4.61
C ASP B 512 21.35 3.74 -3.62
N GLN B 513 21.67 3.45 -2.34
CA GLN B 513 20.65 3.44 -1.31
C GLN B 513 21.30 3.51 0.07
N TRP B 514 21.96 4.64 0.34
CA TRP B 514 22.68 4.75 1.62
C TRP B 514 21.77 4.72 2.86
N GLY B 515 20.47 5.07 2.79
CA GLY B 515 19.57 4.85 3.93
C GLY B 515 19.20 3.37 4.16
N VAL B 516 19.07 2.59 3.11
CA VAL B 516 18.84 1.16 3.25
C VAL B 516 20.11 0.51 3.77
N GLU B 517 21.28 0.97 3.31
CA GLU B 517 22.54 0.45 3.81
C GLU B 517 22.69 0.77 5.31
N LEU B 518 22.34 1.99 5.73
CA LEU B 518 22.48 2.31 7.13
C LEU B 518 21.56 1.41 7.93
N GLY B 519 20.32 1.22 7.45
CA GLY B 519 19.37 0.38 8.14
C GLY B 519 19.92 -0.98 8.53
N LYS B 520 20.74 -1.55 7.65
CA LYS B 520 21.30 -2.88 7.82
C LYS B 520 22.42 -2.90 8.86
N VAL B 521 22.87 -1.75 9.34
CA VAL B 521 23.90 -1.77 10.40
C VAL B 521 23.40 -1.09 11.68
N LEU B 522 22.18 -0.62 11.73
CA LEU B 522 21.70 0.13 12.91
C LEU B 522 21.28 -0.72 14.11
N ALA B 523 20.75 -1.90 13.85
CA ALA B 523 19.98 -2.49 14.94
C ALA B 523 20.94 -3.24 15.86
N LYS B 524 22.19 -3.47 15.39
CA LYS B 524 23.07 -4.41 16.06
C LYS B 524 23.41 -3.91 17.48
N VAL B 525 23.64 -2.60 17.66
CA VAL B 525 23.93 -2.07 18.98
C VAL B 525 22.80 -2.39 19.97
N ILE B 526 21.55 -2.07 19.56
CA ILE B 526 20.43 -2.27 20.45
C ILE B 526 20.14 -3.76 20.61
N GLY B 527 20.39 -4.56 19.56
CA GLY B 527 20.16 -5.98 19.74
C GLY B 527 21.00 -6.55 20.89
N LYS B 528 22.26 -6.09 21.03
CA LYS B 528 23.07 -6.61 22.13
C LYS B 528 22.51 -6.13 23.47
N GLU B 529 21.94 -4.89 23.52
CA GLU B 529 21.32 -4.42 24.74
C GLU B 529 20.07 -5.21 25.12
N LEU B 530 19.42 -5.91 24.17
CA LEU B 530 18.24 -6.69 24.45
C LEU B 530 18.60 -8.07 24.98
N ASP B 531 19.89 -8.39 25.12
CA ASP B 531 20.27 -9.69 25.66
C ASP B 531 20.02 -9.83 27.16
N ASP B 532 19.75 -8.73 27.88
CA ASP B 532 19.36 -8.77 29.28
C ASP B 532 18.19 -7.83 29.56
N LYS B 533 17.71 -7.83 30.82
CA LYS B 533 16.59 -6.97 31.16
C LYS B 533 17.02 -5.76 32.00
N LYS B 534 18.33 -5.44 32.01
CA LYS B 534 18.86 -4.25 32.68
C LYS B 534 18.41 -2.99 31.94
N ALA B 535 18.02 -1.97 32.71
CA ALA B 535 17.66 -0.71 32.11
C ALA B 535 18.84 -0.09 31.39
N VAL B 536 18.52 0.61 30.28
CA VAL B 536 19.54 1.23 29.45
C VAL B 536 19.44 2.74 29.53
N ALA B 537 20.60 3.42 29.43
CA ALA B 537 20.67 4.88 29.44
C ALA B 537 21.66 5.40 28.39
N THR B 538 21.95 4.60 27.37
CA THR B 538 22.96 4.86 26.36
C THR B 538 22.48 5.72 25.17
N HIS B 539 21.18 5.97 25.07
CA HIS B 539 20.57 6.67 23.97
C HIS B 539 19.90 7.97 24.44
N ASP B 540 19.20 8.62 23.51
CA ASP B 540 18.24 9.68 23.85
C ASP B 540 17.14 9.13 24.75
N ALA B 541 16.42 10.02 25.44
CA ALA B 541 15.46 9.64 26.46
C ALA B 541 14.28 8.84 25.88
N SER B 542 13.91 9.11 24.62
CA SER B 542 12.80 8.37 24.01
C SER B 542 13.24 6.95 23.74
N THR B 543 14.38 6.79 23.05
CA THR B 543 14.88 5.46 22.76
C THR B 543 15.07 4.68 24.06
N ASN B 544 15.70 5.31 25.10
CA ASN B 544 15.85 4.61 26.36
C ASN B 544 14.50 4.19 26.95
N GLY B 545 13.53 5.11 26.92
CA GLY B 545 12.23 4.88 27.52
C GLY B 545 11.52 3.74 26.81
N LEU B 546 11.57 3.71 25.47
CA LEU B 546 10.93 2.62 24.73
C LEU B 546 11.61 1.28 24.96
N ILE B 547 12.94 1.27 24.96
CA ILE B 547 13.67 0.03 25.26
C ILE B 547 13.31 -0.47 26.67
N ASN B 548 13.35 0.44 27.63
CA ASN B 548 13.12 0.07 29.01
C ASN B 548 11.68 -0.40 29.24
N GLN B 549 10.69 0.20 28.54
CA GLN B 549 9.31 -0.26 28.69
C GLN B 549 9.17 -1.65 28.07
N PHE B 550 9.86 -1.85 26.94
CA PHE B 550 9.88 -3.14 26.27
C PHE B 550 10.47 -4.21 27.18
N LYS B 551 11.57 -3.89 27.89
CA LYS B 551 12.18 -4.92 28.76
C LYS B 551 11.23 -5.31 29.89
N GLU B 552 10.42 -4.37 30.36
CA GLU B 552 9.44 -4.67 31.41
C GLU B 552 8.32 -5.54 30.85
N TRP B 553 7.95 -5.38 29.56
CA TRP B 553 6.79 -6.06 28.99
C TRP B 553 7.10 -7.32 28.17
N GLU B 554 8.37 -7.55 27.84
CA GLU B 554 8.73 -8.68 27.00
C GLU B 554 8.58 -9.96 27.79
N GLU B 555 8.58 -11.08 27.07
CA GLU B 555 8.54 -12.35 27.78
C GLU B 555 9.74 -12.53 28.72
O1A PA5 C . -19.10 3.53 1.77
C1 PA5 C . -17.92 3.07 1.57
O1 PA5 C . -16.89 3.33 2.24
C2 PA5 C . -17.80 2.01 0.48
O2 PA5 C . -16.48 1.44 0.46
C3 PA5 C . -18.80 0.88 0.69
O3 PA5 C . -18.48 0.12 1.87
C4 PA5 C . -18.87 0.04 -0.56
O4 PA5 C . -19.27 0.81 -1.68
C5 PA5 C . -19.79 -1.13 -0.46
O5 PA5 C . -21.10 -0.55 -0.17
P PA5 C . -22.22 -1.60 0.40
O1P PA5 C . -21.75 -2.08 1.73
O2P PA5 C . -23.49 -0.79 0.38
O3P PA5 C . -22.27 -2.78 -0.57
C01 A1IH9 D . -25.29 -11.30 28.89
N02 A1IH9 D . -24.67 -11.20 27.54
C03 A1IH9 D . -23.19 -10.98 27.68
C04 A1IH9 D . -25.07 -12.38 26.64
C05 A1IH9 D . -24.72 -12.10 25.27
N10 A1IH9 D . -23.64 -12.70 24.70
C09 A1IH9 D . -23.26 -12.38 23.37
C08 A1IH9 D . -23.90 -11.46 22.63
C07 A1IH9 D . -24.96 -10.79 23.22
C06 A1IH9 D . -25.38 -11.13 24.52
O11 A1IH9 D . -26.44 -10.46 25.10
CL CL E . -19.96 -8.42 27.15
C01 A1IH9 F . 20.42 -20.53 -27.66
N02 A1IH9 F . 19.61 -20.22 -26.45
C03 A1IH9 F . 18.26 -19.68 -26.80
C04 A1IH9 F . 19.36 -21.38 -25.53
C05 A1IH9 F . 19.10 -20.92 -24.17
N10 A1IH9 F . 17.89 -21.16 -23.62
C09 A1IH9 F . 17.64 -20.69 -22.27
C08 A1IH9 F . 18.63 -20.05 -21.59
C07 A1IH9 F . 19.87 -19.86 -22.12
C06 A1IH9 F . 20.07 -20.32 -23.42
O11 A1IH9 F . 21.27 -20.15 -23.96
O1A PA5 G . 17.05 -2.53 -2.25
C1 PA5 G . 17.98 -3.05 -1.55
O1 PA5 G . 19.27 -2.99 -1.80
C2 PA5 G . 17.51 -3.95 -0.39
O2 PA5 G . 16.07 -4.08 -0.35
C3 PA5 G . 18.08 -5.36 -0.53
O3 PA5 G . 17.47 -6.04 -1.63
C4 PA5 G . 17.86 -6.11 0.77
O4 PA5 G . 18.50 -5.38 1.85
C5 PA5 G . 18.41 -7.49 0.75
O5 PA5 G . 19.84 -7.38 0.48
P PA5 G . 20.52 -8.77 0.01
O1P PA5 G . 20.22 -9.80 1.07
O2P PA5 G . 19.90 -9.18 -1.31
O3P PA5 G . 21.99 -8.42 -0.07
CL CL H . 16.08 -16.50 -25.98
#